data_7JN5
#
_entry.id   7JN5
#
_cell.length_a   265.736
_cell.length_b   59.931
_cell.length_c   51.721
_cell.angle_alpha   90.000
_cell.angle_beta   99.770
_cell.angle_gamma   90.000
#
_symmetry.space_group_name_H-M   'C 1 2 1'
#
loop_
_entity.id
_entity.type
_entity.pdbx_description
1 polymer 'CR3022 heavy chain'
2 polymer 'CR3022 light chain'
3 polymer 'Spike glycoprotein'
4 branched 2-acetamido-2-deoxy-beta-D-glucopyranose-(1-4)-2-acetamido-2-deoxy-beta-D-glucopyranose
5 non-polymer 'PHOSPHATE ION'
6 non-polymer 2-acetamido-2-deoxy-beta-D-glucopyranose
7 water water
#
loop_
_entity_poly.entity_id
_entity_poly.type
_entity_poly.pdbx_seq_one_letter_code
_entity_poly.pdbx_strand_id
1 'polypeptide(L)'
;QMQLVQSGTEVKKPGESLKISCKGSGYGFITYWIGWVRQMPGKGLEWMGIIYPGDSETRYSPSFQGQVTISADKSINTAY
LQWSSLKASDTAIYYCAGGSGISTPMDVWGQGTTVTVVSRRLPPSVFPLAPSSKSTSGGTAALGCLVKDYFPEPVTVSWN
SGALTSGVHTFPAVLQSSGLYSLSSVVTVPSSSLGTQTYICNVNHKPSNTKVDKKVEPKSC
;
H
2 'polypeptide(L)'
;DIQLTQSPDSLAVSLGERATINCKSSQSVLYSSINKNYLAWYQQKPGQPPKLLIYWASTRESGVPDRFSGSGSGTDFTLT
ISSLQAEDVAVYYCQQYYSTPYTFGQGTKVEIKRTVAAPSVFIFPPSDEQLKSGTASVVCLLNNFYPREAKVQWKVDNAL
QSGNSQESVTEQDSKDSTYSLSSTLTLSKADYEKHKVYACEVTHQGLSSPVTKSFNRGECS
;
L
3 'polypeptide(L)'
;RVVPSGDVVRFPNITNLCPFGEVFNATKFPSVYAWERKKISNCVADYSVLYNSTFFSTFKCYGVSATKLNDLCFSNVYAD
SFVVKGDDVRQIAPGQTGVIADYNYKLPDDFMGCVLAWNTRNIDATSTGNHNYKYRYLRHGKLRPFERDISNVPFSPDGK
PCTPPALNCYWPLNDYGFYTTTGIGYQPYRVVVLSFELLNAPATVCGPKLSTDLIKNQCVNFSGHHHHHH
;
F
#
loop_
_chem_comp.id
_chem_comp.type
_chem_comp.name
_chem_comp.formula
NAG D-saccharide, beta linking 2-acetamido-2-deoxy-beta-D-glucopyranose 'C8 H15 N O6'
PO4 non-polymer 'PHOSPHATE ION' 'O4 P -3'
#
# COMPACT_ATOMS: atom_id res chain seq x y z
N GLN A 1 -4.14 16.11 -8.43
CA GLN A 1 -3.88 14.74 -7.97
C GLN A 1 -2.51 14.27 -8.49
N MET A 2 -1.90 13.33 -7.75
CA MET A 2 -0.53 12.91 -7.98
C MET A 2 -0.43 11.39 -7.93
N GLN A 3 0.40 10.82 -8.79
CA GLN A 3 0.60 9.38 -8.87
C GLN A 3 1.98 8.98 -8.39
N LEU A 4 2.10 7.68 -8.07
CA LEU A 4 3.32 7.08 -7.52
C LEU A 4 3.63 5.83 -8.33
N VAL A 5 4.85 5.72 -8.83
CA VAL A 5 5.28 4.57 -9.62
C VAL A 5 6.61 4.07 -9.06
N GLN A 6 6.67 2.79 -8.72
CA GLN A 6 7.86 2.18 -8.15
C GLN A 6 8.66 1.45 -9.22
N SER A 7 9.87 1.05 -8.84
CA SER A 7 10.74 0.33 -9.75
C SER A 7 10.25 -1.10 -9.96
N GLY A 8 10.77 -1.74 -10.98
CA GLY A 8 10.30 -3.04 -11.42
C GLY A 8 10.68 -4.16 -10.45
N THR A 9 10.38 -5.38 -10.91
CA THR A 9 10.65 -6.56 -10.11
C THR A 9 12.15 -6.79 -9.96
N GLU A 10 12.57 -7.18 -8.76
CA GLU A 10 13.96 -7.41 -8.45
C GLU A 10 14.15 -8.85 -7.97
N VAL A 11 15.09 -9.56 -8.59
CA VAL A 11 15.50 -10.89 -8.17
C VAL A 11 16.99 -10.83 -7.86
N LYS A 12 17.32 -11.08 -6.59
CA LYS A 12 18.69 -10.95 -6.10
C LYS A 12 19.11 -12.22 -5.35
N LYS A 13 20.48 -12.39 -5.17
CA LYS A 13 21.04 -13.50 -4.41
C LYS A 13 21.27 -13.07 -2.96
N PRO A 14 21.28 -14.01 -2.01
CA PRO A 14 21.47 -13.60 -0.60
C PRO A 14 22.83 -13.00 -0.34
N GLY A 15 22.86 -11.70 -0.02
CA GLY A 15 24.10 -11.02 0.32
C GLY A 15 24.47 -9.83 -0.55
N GLU A 16 23.67 -9.46 -1.55
CA GLU A 16 24.00 -8.30 -2.37
C GLU A 16 23.18 -7.09 -1.93
N SER A 17 23.62 -5.92 -2.40
CA SER A 17 22.93 -4.67 -2.12
C SER A 17 21.68 -4.54 -2.98
N LEU A 18 20.74 -3.70 -2.53
CA LEU A 18 19.59 -3.37 -3.35
C LEU A 18 19.00 -2.04 -2.91
N LYS A 19 18.71 -1.19 -3.89
CA LYS A 19 18.08 0.10 -3.70
C LYS A 19 16.87 0.14 -4.64
N ILE A 20 15.66 0.09 -4.08
CA ILE A 20 14.43 0.19 -4.87
C ILE A 20 13.94 1.64 -4.79
N SER A 21 13.38 2.11 -5.90
CA SER A 21 13.00 3.51 -6.05
C SER A 21 11.49 3.66 -6.12
N CYS A 22 11.04 4.91 -5.92
CA CYS A 22 9.61 5.24 -5.91
C CYS A 22 9.49 6.68 -6.36
N LYS A 23 9.06 6.91 -7.60
CA LYS A 23 8.99 8.25 -8.16
C LYS A 23 7.55 8.74 -8.15
N GLY A 24 7.34 9.96 -7.69
CA GLY A 24 6.05 10.60 -7.71
C GLY A 24 5.97 11.62 -8.84
N SER A 25 4.76 11.86 -9.32
CA SER A 25 4.57 12.81 -10.39
C SER A 25 3.15 13.34 -10.36
N GLY A 26 3.02 14.65 -10.55
CA GLY A 26 1.74 15.33 -10.47
C GLY A 26 1.82 16.59 -9.64
N TYR A 27 0.74 17.35 -9.69
CA TYR A 27 0.69 18.64 -9.01
C TYR A 27 0.62 18.45 -7.50
N GLY A 28 1.39 19.28 -6.78
CA GLY A 28 1.34 19.28 -5.33
C GLY A 28 2.24 18.28 -4.63
N PHE A 29 3.37 17.91 -5.24
CA PHE A 29 4.18 16.82 -4.71
C PHE A 29 4.89 17.21 -3.41
N ILE A 30 5.33 18.46 -3.30
CA ILE A 30 6.23 18.86 -2.21
C ILE A 30 5.58 18.71 -0.84
N THR A 31 4.26 18.57 -0.78
CA THR A 31 3.59 18.36 0.50
C THR A 31 3.62 16.91 0.97
N TYR A 32 4.01 15.97 0.12
CA TYR A 32 3.83 14.56 0.42
C TYR A 32 5.01 13.96 1.17
N TRP A 33 4.69 13.14 2.16
CA TRP A 33 5.64 12.27 2.86
C TRP A 33 5.47 10.86 2.32
N ILE A 34 6.58 10.19 2.08
CA ILE A 34 6.61 8.88 1.44
C ILE A 34 6.99 7.86 2.49
N GLY A 35 6.08 6.92 2.77
CA GLY A 35 6.33 5.83 3.69
C GLY A 35 6.45 4.51 2.96
N TRP A 36 7.11 3.54 3.59
CA TRP A 36 7.36 2.22 3.01
C TRP A 36 6.64 1.16 3.83
N VAL A 37 6.00 0.23 3.12
CA VAL A 37 5.20 -0.83 3.75
C VAL A 37 5.62 -2.17 3.13
N ARG A 38 5.90 -3.15 3.98
CA ARG A 38 6.30 -4.47 3.54
C ARG A 38 5.14 -5.44 3.68
N GLN A 39 4.89 -6.23 2.62
CA GLN A 39 3.88 -7.28 2.63
C GLN A 39 4.56 -8.58 2.22
N MET A 40 4.82 -9.44 3.18
CA MET A 40 5.31 -10.76 2.81
C MET A 40 4.14 -11.60 2.28
N PRO A 41 4.41 -12.51 1.33
CA PRO A 41 3.33 -13.30 0.72
C PRO A 41 2.41 -13.96 1.73
N GLY A 42 1.12 -13.64 1.66
CA GLY A 42 0.13 -14.19 2.56
C GLY A 42 0.01 -13.48 3.89
N LYS A 43 0.81 -12.45 4.14
CA LYS A 43 0.79 -11.75 5.42
C LYS A 43 0.08 -10.40 5.27
N GLY A 44 -0.06 -9.70 6.39
CA GLY A 44 -0.68 -8.39 6.41
C GLY A 44 0.29 -7.30 6.02
N LEU A 45 0.02 -6.08 6.51
CA LEU A 45 0.81 -4.91 6.19
C LEU A 45 1.69 -4.51 7.37
N GLU A 46 2.93 -4.16 7.07
CA GLU A 46 3.91 -3.76 8.07
C GLU A 46 4.49 -2.41 7.69
N TRP A 47 4.26 -1.40 8.52
CA TRP A 47 4.84 -0.08 8.29
C TRP A 47 6.33 -0.11 8.64
N MET A 48 7.16 0.38 7.72
CA MET A 48 8.61 0.38 7.88
C MET A 48 9.16 1.72 8.32
N GLY A 49 8.79 2.78 7.63
CA GLY A 49 9.31 4.10 7.93
C GLY A 49 8.74 5.11 6.96
N ILE A 50 9.12 6.36 7.16
CA ILE A 50 8.59 7.47 6.37
C ILE A 50 9.69 8.51 6.20
N ILE A 51 9.62 9.26 5.10
CA ILE A 51 10.60 10.30 4.81
C ILE A 51 9.91 11.45 4.11
N TYR A 52 10.37 12.66 4.39
CA TYR A 52 9.91 13.86 3.70
C TYR A 52 11.01 14.33 2.75
N PRO A 53 10.81 14.23 1.44
CA PRO A 53 11.92 14.52 0.50
C PRO A 53 12.40 15.96 0.53
N GLY A 54 11.63 16.88 1.13
CA GLY A 54 12.04 18.28 1.14
C GLY A 54 13.33 18.52 1.89
N ASP A 55 13.49 17.88 3.04
CA ASP A 55 14.72 17.96 3.82
C ASP A 55 15.23 16.59 4.24
N SER A 56 14.63 15.51 3.72
CA SER A 56 15.05 14.14 4.01
C SER A 56 14.98 13.81 5.49
N GLU A 57 14.06 14.44 6.21
CA GLU A 57 13.73 13.97 7.55
C GLU A 57 13.05 12.62 7.46
N THR A 58 13.60 11.63 8.15
CA THR A 58 13.09 10.27 8.06
C THR A 58 12.90 9.68 9.44
N ARG A 59 11.81 8.95 9.62
CA ARG A 59 11.46 8.28 10.86
C ARG A 59 11.34 6.79 10.60
N TYR A 60 12.00 5.99 11.42
CA TYR A 60 12.02 4.54 11.28
C TYR A 60 11.13 3.88 12.32
N SER A 61 10.52 2.77 11.93
CA SER A 61 9.89 1.90 12.90
C SER A 61 10.95 1.20 13.73
N PRO A 62 10.66 0.89 15.00
CA PRO A 62 11.66 0.21 15.84
C PRO A 62 12.09 -1.14 15.27
N SER A 63 11.25 -1.79 14.48
CA SER A 63 11.58 -3.09 13.92
C SER A 63 12.49 -3.00 12.70
N PHE A 64 12.63 -1.83 12.10
CA PHE A 64 13.42 -1.66 10.88
C PHE A 64 14.60 -0.72 11.07
N GLN A 65 14.75 -0.12 12.25
CA GLN A 65 15.86 0.80 12.48
C GLN A 65 17.19 0.09 12.29
N GLY A 66 18.04 0.66 11.43
CA GLY A 66 19.34 0.10 11.15
C GLY A 66 19.34 -1.10 10.22
N GLN A 67 18.20 -1.76 10.03
CA GLN A 67 18.15 -2.93 9.15
C GLN A 67 18.04 -2.53 7.68
N VAL A 68 17.34 -1.43 7.40
CA VAL A 68 17.26 -0.84 6.07
C VAL A 68 17.40 0.66 6.22
N THR A 69 17.75 1.32 5.12
CA THR A 69 17.86 2.79 5.11
C THR A 69 16.91 3.36 4.07
N ILE A 70 16.11 4.35 4.49
CA ILE A 70 15.21 5.06 3.61
C ILE A 70 15.90 6.34 3.16
N SER A 71 15.91 6.60 1.87
CA SER A 71 16.57 7.76 1.31
C SER A 71 15.57 8.52 0.44
N ALA A 72 15.97 9.72 0.04
CA ALA A 72 15.14 10.53 -0.84
C ALA A 72 16.06 11.37 -1.71
N ASP A 73 15.48 11.90 -2.79
CA ASP A 73 16.12 12.94 -3.58
C ASP A 73 15.00 13.74 -4.24
N LYS A 74 14.91 15.04 -3.86
CA LYS A 74 13.96 16.01 -4.38
C LYS A 74 14.31 16.51 -5.78
N SER A 75 15.49 16.18 -6.31
CA SER A 75 15.81 16.51 -7.70
C SER A 75 14.81 15.88 -8.64
N ILE A 76 14.50 14.60 -8.41
CA ILE A 76 13.70 13.83 -9.36
C ILE A 76 12.45 13.29 -8.69
N ASN A 77 12.10 13.83 -7.51
CA ASN A 77 10.90 13.41 -6.78
C ASN A 77 10.91 11.91 -6.51
N THR A 78 12.00 11.41 -5.92
CA THR A 78 12.15 9.97 -5.81
C THR A 78 12.60 9.57 -4.41
N ALA A 79 11.82 8.69 -3.78
CA ALA A 79 12.21 8.04 -2.54
C ALA A 79 12.87 6.70 -2.83
N TYR A 80 13.63 6.20 -1.86
CA TYR A 80 14.42 4.99 -2.01
C TYR A 80 14.36 4.16 -0.74
N LEU A 81 14.42 2.85 -0.92
CA LEU A 81 14.57 1.89 0.17
C LEU A 81 15.77 1.02 -0.12
N GLN A 82 16.66 0.86 0.86
CA GLN A 82 17.93 0.19 0.59
C GLN A 82 18.28 -0.82 1.67
N TRP A 83 18.72 -2.00 1.23
CA TRP A 83 19.49 -2.94 2.03
C TRP A 83 20.90 -2.97 1.47
N SER A 84 21.90 -2.99 2.36
CA SER A 84 23.26 -3.20 1.89
C SER A 84 23.53 -4.68 1.63
N SER A 85 22.85 -5.58 2.33
CA SER A 85 22.98 -7.01 2.06
C SER A 85 21.67 -7.70 2.41
N LEU A 86 21.08 -8.39 1.43
CA LEU A 86 19.74 -8.95 1.56
C LEU A 86 19.75 -10.26 2.34
N LYS A 87 18.68 -10.48 3.09
CA LYS A 87 18.43 -11.75 3.78
C LYS A 87 17.25 -12.46 3.15
N ALA A 88 17.24 -13.79 3.25
CA ALA A 88 16.13 -14.57 2.73
C ALA A 88 14.81 -14.15 3.37
N SER A 89 14.87 -13.61 4.59
CA SER A 89 13.67 -13.11 5.26
C SER A 89 13.09 -11.88 4.59
N ASP A 90 13.84 -11.23 3.70
CA ASP A 90 13.42 -9.96 3.09
C ASP A 90 12.64 -10.14 1.79
N THR A 91 12.32 -11.38 1.43
CA THR A 91 11.52 -11.63 0.24
C THR A 91 10.08 -11.20 0.47
N ALA A 92 9.59 -10.24 -0.32
CA ALA A 92 8.25 -9.70 -0.10
C ALA A 92 7.86 -8.81 -1.26
N ILE A 93 6.72 -8.15 -1.12
CA ILE A 93 6.36 -7.00 -1.93
C ILE A 93 6.53 -5.76 -1.07
N TYR A 94 6.96 -4.67 -1.69
CA TYR A 94 7.22 -3.43 -0.98
C TYR A 94 6.46 -2.31 -1.67
N TYR A 95 5.57 -1.67 -0.93
CA TYR A 95 4.78 -0.55 -1.40
C TYR A 95 5.34 0.74 -0.84
N CYS A 96 5.32 1.80 -1.66
CA CYS A 96 5.53 3.16 -1.17
C CYS A 96 4.18 3.88 -1.22
N ALA A 97 3.82 4.52 -0.13
CA ALA A 97 2.55 5.24 -0.01
C ALA A 97 2.84 6.68 0.38
N GLY A 98 1.86 7.55 0.19
CA GLY A 98 2.09 8.96 0.39
C GLY A 98 1.00 9.70 1.15
N GLY A 99 1.40 10.43 2.18
CA GLY A 99 0.48 11.24 2.96
C GLY A 99 0.79 12.72 2.79
N SER A 100 -0.26 13.52 2.60
CA SER A 100 -0.08 14.95 2.31
C SER A 100 0.54 15.72 3.46
N GLY A 101 0.77 15.08 4.60
CA GLY A 101 1.49 15.64 5.72
C GLY A 101 1.90 14.51 6.63
N ILE A 102 2.51 14.86 7.74
CA ILE A 102 2.84 13.86 8.74
C ILE A 102 1.67 13.73 9.71
N SER A 103 1.43 12.52 10.19
CA SER A 103 0.24 12.17 10.96
C SER A 103 -1.03 12.42 10.13
N THR A 104 -1.03 11.87 8.92
CA THR A 104 -2.16 11.86 8.01
C THR A 104 -2.28 10.47 7.42
N PRO A 105 -3.46 10.11 6.88
CA PRO A 105 -3.57 8.83 6.18
C PRO A 105 -2.78 8.85 4.89
N MET A 106 -2.67 7.67 4.28
CA MET A 106 -1.84 7.48 3.10
C MET A 106 -2.75 7.54 1.87
N ASP A 107 -2.74 8.71 1.21
CA ASP A 107 -3.68 8.98 0.12
C ASP A 107 -3.32 8.20 -1.14
N VAL A 108 -2.04 8.15 -1.49
CA VAL A 108 -1.59 7.64 -2.77
C VAL A 108 -0.71 6.42 -2.53
N TRP A 109 -0.89 5.40 -3.36
CA TRP A 109 -0.12 4.17 -3.24
C TRP A 109 0.59 3.86 -4.55
N GLY A 110 1.75 3.21 -4.43
CA GLY A 110 2.44 2.69 -5.58
C GLY A 110 1.99 1.29 -5.94
N GLN A 111 2.24 0.90 -7.19
CA GLN A 111 1.75 -0.38 -7.68
C GLN A 111 2.48 -1.57 -7.05
N GLY A 112 3.54 -1.32 -6.30
CA GLY A 112 4.24 -2.37 -5.60
C GLY A 112 5.50 -2.80 -6.33
N THR A 113 6.49 -3.22 -5.55
CA THR A 113 7.74 -3.78 -6.09
C THR A 113 7.94 -5.15 -5.48
N THR A 114 8.00 -6.18 -6.32
CA THR A 114 8.25 -7.53 -5.86
C THR A 114 9.76 -7.75 -5.76
N VAL A 115 10.21 -8.19 -4.58
CA VAL A 115 11.63 -8.42 -4.31
C VAL A 115 11.79 -9.86 -3.85
N THR A 116 12.50 -10.65 -4.65
CA THR A 116 12.77 -12.05 -4.36
C THR A 116 14.27 -12.24 -4.20
N VAL A 117 14.68 -12.84 -3.09
CA VAL A 117 16.07 -13.18 -2.84
C VAL A 117 16.12 -14.67 -2.52
N VAL A 118 16.93 -15.41 -3.27
CA VAL A 118 16.86 -16.88 -3.26
C VAL A 118 18.18 -17.43 -3.74
N SER A 119 18.50 -18.65 -3.29
CA SER A 119 19.79 -19.27 -3.62
C SER A 119 19.81 -19.84 -5.03
N ARG A 120 18.94 -20.81 -5.31
CA ARG A 120 18.93 -21.53 -6.58
C ARG A 120 17.68 -21.16 -7.37
N ARG A 121 17.77 -21.28 -8.69
CA ARG A 121 16.66 -20.99 -9.59
C ARG A 121 16.57 -22.07 -10.67
N LEU A 122 15.37 -22.61 -10.85
CA LEU A 122 15.15 -23.72 -11.77
C LEU A 122 13.99 -23.35 -12.68
N PRO A 123 14.16 -23.36 -14.01
CA PRO A 123 13.13 -22.85 -14.89
C PRO A 123 11.94 -23.82 -14.97
N PRO A 124 10.75 -23.31 -15.22
CA PRO A 124 9.56 -24.18 -15.28
C PRO A 124 9.46 -24.89 -16.62
N SER A 125 8.59 -25.92 -16.63
CA SER A 125 8.22 -26.59 -17.87
C SER A 125 6.72 -26.44 -18.08
N VAL A 126 6.33 -26.08 -19.29
CA VAL A 126 4.96 -25.71 -19.61
C VAL A 126 4.38 -26.73 -20.58
N PHE A 127 3.25 -27.32 -20.20
CA PHE A 127 2.57 -28.32 -21.00
C PHE A 127 1.14 -27.88 -21.29
N PRO A 128 0.65 -28.10 -22.50
CA PRO A 128 -0.74 -27.73 -22.81
C PRO A 128 -1.72 -28.66 -22.12
N LEU A 129 -2.82 -28.09 -21.64
CA LEU A 129 -4.00 -28.83 -21.22
C LEU A 129 -5.02 -28.57 -22.33
N ALA A 130 -5.07 -29.49 -23.29
CA ALA A 130 -5.85 -29.29 -24.50
C ALA A 130 -7.32 -29.57 -24.26
N PRO A 131 -8.21 -28.91 -24.99
CA PRO A 131 -9.65 -29.17 -24.85
C PRO A 131 -10.12 -30.31 -25.74
N SER A 132 -11.08 -31.05 -25.21
CA SER A 132 -11.69 -32.15 -25.94
C SER A 132 -13.11 -32.34 -25.43
N SER A 133 -13.78 -33.40 -25.90
CA SER A 133 -15.11 -33.72 -25.37
C SER A 133 -15.04 -34.05 -23.88
N LYS A 134 -13.92 -34.59 -23.41
CA LYS A 134 -13.71 -34.78 -21.99
C LYS A 134 -13.60 -33.44 -21.28
N SER A 135 -12.99 -32.46 -21.92
CA SER A 135 -12.83 -31.12 -21.38
C SER A 135 -13.94 -30.17 -21.82
N THR A 136 -15.08 -30.71 -22.24
CA THR A 136 -16.23 -29.93 -22.66
C THR A 136 -17.45 -30.40 -21.89
N SER A 137 -18.19 -29.47 -21.32
CA SER A 137 -19.45 -29.74 -20.64
C SER A 137 -20.47 -28.72 -21.12
N GLY A 138 -21.48 -29.18 -21.85
CA GLY A 138 -22.43 -28.25 -22.45
C GLY A 138 -21.85 -27.61 -23.69
N GLY A 139 -22.00 -26.30 -23.81
CA GLY A 139 -21.40 -25.58 -24.92
C GLY A 139 -20.16 -24.82 -24.49
N THR A 140 -19.53 -25.30 -23.42
CA THR A 140 -18.40 -24.59 -22.79
C THR A 140 -17.21 -25.53 -22.72
N ALA A 141 -16.14 -25.19 -23.44
CA ALA A 141 -14.91 -25.95 -23.35
C ALA A 141 -13.96 -25.31 -22.34
N ALA A 142 -12.99 -26.10 -21.89
CA ALA A 142 -11.96 -25.62 -20.99
C ALA A 142 -10.60 -26.04 -21.52
N LEU A 143 -9.63 -25.13 -21.47
CA LEU A 143 -8.26 -25.42 -21.85
C LEU A 143 -7.34 -24.74 -20.85
N GLY A 144 -6.04 -24.98 -20.97
CA GLY A 144 -5.13 -24.34 -20.04
C GLY A 144 -3.68 -24.67 -20.29
N CYS A 145 -2.87 -24.26 -19.33
CA CYS A 145 -1.46 -24.56 -19.34
C CYS A 145 -1.04 -25.06 -17.96
N LEU A 146 -0.04 -25.95 -17.93
CA LEU A 146 0.45 -26.59 -16.73
C LEU A 146 1.92 -26.22 -16.59
N VAL A 147 2.25 -25.43 -15.58
CA VAL A 147 3.59 -24.94 -15.36
C VAL A 147 4.15 -25.67 -14.14
N LYS A 148 5.19 -26.48 -14.36
CA LYS A 148 5.57 -27.51 -13.40
C LYS A 148 7.08 -27.49 -13.17
N ASP A 149 7.47 -27.79 -11.92
CA ASP A 149 8.87 -27.99 -11.55
C ASP A 149 9.69 -26.70 -11.68
N TYR A 150 9.22 -25.63 -11.04
CA TYR A 150 9.96 -24.38 -11.01
C TYR A 150 10.21 -23.94 -9.58
N PHE A 151 11.20 -23.06 -9.43
CA PHE A 151 11.62 -22.52 -8.15
C PHE A 151 12.47 -21.26 -8.38
N PRO A 152 12.21 -20.17 -7.65
CA PRO A 152 11.10 -20.07 -6.69
C PRO A 152 9.88 -19.38 -7.27
N GLU A 153 8.92 -19.08 -6.42
CA GLU A 153 7.79 -18.27 -6.84
C GLU A 153 8.25 -16.84 -7.12
N PRO A 154 7.51 -16.10 -7.95
CA PRO A 154 6.34 -16.53 -8.70
C PRO A 154 6.57 -16.65 -10.21
N VAL A 155 5.69 -17.37 -10.89
CA VAL A 155 5.56 -17.29 -12.34
C VAL A 155 4.35 -16.42 -12.63
N THR A 156 4.47 -15.54 -13.61
CA THR A 156 3.32 -14.77 -14.07
C THR A 156 2.90 -15.32 -15.42
N VAL A 157 1.63 -15.70 -15.54
CA VAL A 157 1.08 -16.28 -16.76
C VAL A 157 -0.02 -15.38 -17.26
N SER A 158 0.06 -15.01 -18.53
CA SER A 158 -0.97 -14.29 -19.25
C SER A 158 -1.51 -15.19 -20.36
N TRP A 159 -2.54 -14.70 -21.04
CA TRP A 159 -3.16 -15.44 -22.14
C TRP A 159 -3.31 -14.50 -23.33
N ASN A 160 -2.72 -14.88 -24.46
CA ASN A 160 -2.69 -14.04 -25.66
C ASN A 160 -2.09 -12.67 -25.34
N SER A 161 -1.03 -12.68 -24.53
CA SER A 161 -0.29 -11.48 -24.15
C SER A 161 -1.18 -10.43 -23.51
N GLY A 162 -2.04 -10.86 -22.60
CA GLY A 162 -2.88 -9.97 -21.83
C GLY A 162 -4.24 -9.68 -22.42
N ALA A 163 -4.50 -10.09 -23.67
CA ALA A 163 -5.74 -9.73 -24.35
C ALA A 163 -6.93 -10.57 -23.92
N LEU A 164 -6.70 -11.73 -23.31
CA LEU A 164 -7.77 -12.60 -22.84
C LEU A 164 -7.65 -12.73 -21.33
N THR A 165 -8.57 -12.09 -20.60
CA THR A 165 -8.61 -12.14 -19.15
C THR A 165 -9.89 -12.73 -18.57
N SER A 166 -11.03 -12.55 -19.24
CA SER A 166 -12.30 -13.00 -18.70
C SER A 166 -12.42 -14.53 -18.76
N GLY A 167 -12.84 -15.14 -17.66
CA GLY A 167 -12.95 -16.58 -17.58
C GLY A 167 -11.65 -17.30 -17.29
N VAL A 168 -10.61 -16.58 -16.92
CA VAL A 168 -9.31 -17.18 -16.61
C VAL A 168 -9.24 -17.47 -15.13
N HIS A 169 -8.62 -18.60 -14.78
CA HIS A 169 -8.36 -18.97 -13.40
C HIS A 169 -6.94 -19.49 -13.33
N THR A 170 -6.04 -18.72 -12.71
CA THR A 170 -4.67 -19.15 -12.46
C THR A 170 -4.57 -19.58 -11.00
N PHE A 171 -4.48 -20.88 -10.78
CA PHE A 171 -4.57 -21.40 -9.43
C PHE A 171 -3.31 -21.06 -8.64
N PRO A 172 -3.44 -20.77 -7.34
CA PRO A 172 -2.25 -20.68 -6.49
C PRO A 172 -1.42 -21.94 -6.61
N ALA A 173 -0.12 -21.75 -6.83
CA ALA A 173 0.77 -22.90 -7.03
C ALA A 173 0.76 -23.80 -5.80
N VAL A 174 1.00 -25.09 -6.03
CA VAL A 174 1.17 -26.04 -4.96
C VAL A 174 2.65 -26.33 -4.83
N LEU A 175 3.03 -26.88 -3.68
CA LEU A 175 4.41 -27.20 -3.36
C LEU A 175 4.59 -28.71 -3.47
N GLN A 176 5.27 -29.14 -4.52
CA GLN A 176 5.59 -30.56 -4.66
C GLN A 176 6.63 -30.96 -3.61
N SER A 177 6.53 -32.22 -3.15
CA SER A 177 7.46 -32.73 -2.15
C SER A 177 8.89 -32.76 -2.67
N SER A 178 9.09 -32.65 -3.98
CA SER A 178 10.42 -32.42 -4.52
C SER A 178 11.00 -31.08 -4.09
N GLY A 179 10.19 -30.22 -3.47
CA GLY A 179 10.58 -28.88 -3.13
C GLY A 179 10.22 -27.83 -4.16
N LEU A 180 9.89 -28.25 -5.38
CA LEU A 180 9.61 -27.34 -6.48
C LEU A 180 8.11 -27.03 -6.55
N TYR A 181 7.80 -25.97 -7.28
CA TYR A 181 6.45 -25.45 -7.37
C TYR A 181 5.79 -25.86 -8.69
N SER A 182 4.46 -25.81 -8.69
CA SER A 182 3.67 -26.16 -9.86
C SER A 182 2.30 -25.51 -9.75
N LEU A 183 1.81 -25.00 -10.88
CA LEU A 183 0.46 -24.46 -10.95
C LEU A 183 -0.14 -24.77 -12.31
N SER A 184 -1.42 -24.42 -12.45
CA SER A 184 -2.14 -24.58 -13.70
C SER A 184 -2.99 -23.34 -13.94
N SER A 185 -3.11 -22.94 -15.20
CA SER A 185 -3.88 -21.77 -15.60
C SER A 185 -4.93 -22.23 -16.60
N VAL A 186 -6.20 -22.20 -16.23
CA VAL A 186 -7.28 -22.68 -17.08
C VAL A 186 -8.12 -21.51 -17.53
N VAL A 187 -8.88 -21.72 -18.61
CA VAL A 187 -9.87 -20.77 -19.08
C VAL A 187 -10.96 -21.54 -19.80
N THR A 188 -12.21 -21.09 -19.62
CA THR A 188 -13.36 -21.63 -20.32
C THR A 188 -13.72 -20.72 -21.48
N VAL A 189 -13.99 -21.33 -22.63
CA VAL A 189 -14.33 -20.63 -23.87
C VAL A 189 -15.54 -21.31 -24.47
N PRO A 190 -16.17 -20.77 -25.51
CA PRO A 190 -17.18 -21.54 -26.23
C PRO A 190 -16.55 -22.67 -27.02
N SER A 191 -17.19 -23.84 -26.99
CA SER A 191 -16.65 -24.99 -27.72
C SER A 191 -16.77 -24.79 -29.23
N SER A 192 -17.83 -24.10 -29.67
CA SER A 192 -18.05 -23.91 -31.10
C SER A 192 -16.90 -23.15 -31.77
N SER A 193 -16.28 -22.23 -31.05
CA SER A 193 -15.27 -21.36 -31.63
C SER A 193 -13.88 -21.98 -31.66
N LEU A 194 -13.72 -23.23 -31.22
CA LEU A 194 -12.40 -23.81 -31.01
C LEU A 194 -11.61 -23.98 -32.30
N GLY A 195 -12.27 -23.94 -33.46
CA GLY A 195 -11.54 -24.04 -34.71
C GLY A 195 -10.99 -22.71 -35.19
N THR A 196 -11.68 -21.61 -34.89
CA THR A 196 -11.34 -20.30 -35.41
C THR A 196 -10.48 -19.47 -34.48
N GLN A 197 -10.53 -19.73 -33.17
CA GLN A 197 -9.77 -18.97 -32.20
C GLN A 197 -8.43 -19.64 -31.91
N THR A 198 -7.45 -18.83 -31.50
CA THR A 198 -6.14 -19.31 -31.11
C THR A 198 -5.86 -18.89 -29.68
N TYR A 199 -5.38 -19.82 -28.86
CA TYR A 199 -5.18 -19.60 -27.44
C TYR A 199 -3.73 -19.89 -27.10
N ILE A 200 -2.98 -18.85 -26.76
CA ILE A 200 -1.55 -18.97 -26.43
C ILE A 200 -1.38 -18.52 -24.99
N CYS A 201 -0.76 -19.37 -24.17
CA CYS A 201 -0.39 -18.94 -22.82
C CYS A 201 1.04 -18.44 -22.83
N ASN A 202 1.26 -17.34 -22.11
CA ASN A 202 2.57 -16.75 -21.88
C ASN A 202 2.95 -17.01 -20.44
N VAL A 203 4.12 -17.63 -20.24
CA VAL A 203 4.64 -17.94 -18.92
C VAL A 203 5.98 -17.23 -18.80
N ASN A 204 6.11 -16.33 -17.82
CA ASN A 204 7.37 -15.68 -17.54
C ASN A 204 7.77 -15.95 -16.09
N HIS A 205 8.95 -16.54 -15.92
CA HIS A 205 9.58 -16.81 -14.63
C HIS A 205 10.84 -15.97 -14.60
N LYS A 206 10.77 -14.82 -13.92
CA LYS A 206 11.89 -13.88 -13.86
C LYS A 206 13.09 -14.42 -13.09
N PRO A 207 12.90 -15.12 -11.95
CA PRO A 207 14.08 -15.65 -11.24
C PRO A 207 15.04 -16.44 -12.11
N SER A 208 14.53 -17.28 -13.02
CA SER A 208 15.40 -17.98 -13.97
C SER A 208 15.54 -17.25 -15.29
N ASN A 209 14.96 -16.05 -15.41
CA ASN A 209 15.03 -15.23 -16.62
C ASN A 209 14.54 -16.02 -17.83
N THR A 210 13.34 -16.57 -17.71
CA THR A 210 12.75 -17.36 -18.80
C THR A 210 11.37 -16.83 -19.14
N LYS A 211 11.04 -16.88 -20.43
CA LYS A 211 9.65 -16.76 -20.86
C LYS A 211 9.41 -17.77 -21.98
N VAL A 212 8.18 -18.24 -22.05
CA VAL A 212 7.77 -19.23 -23.03
C VAL A 212 6.33 -18.94 -23.45
N ASP A 213 6.05 -19.10 -24.74
CA ASP A 213 4.71 -18.97 -25.27
C ASP A 213 4.28 -20.31 -25.84
N LYS A 214 3.24 -20.89 -25.26
CA LYS A 214 2.73 -22.19 -25.66
C LYS A 214 1.37 -22.04 -26.30
N LYS A 215 1.26 -22.46 -27.56
CA LYS A 215 -0.02 -22.51 -28.25
C LYS A 215 -0.74 -23.79 -27.86
N VAL A 216 -1.97 -23.66 -27.34
CA VAL A 216 -2.76 -24.81 -26.90
C VAL A 216 -3.82 -25.07 -27.97
N GLU A 217 -3.68 -26.18 -28.69
CA GLU A 217 -4.63 -26.55 -29.73
C GLU A 217 -5.47 -27.75 -29.29
N PRO A 218 -6.68 -27.89 -29.84
CA PRO A 218 -7.59 -28.94 -29.38
C PRO A 218 -7.25 -30.31 -29.97
N LYS A 219 -7.69 -31.33 -29.24
CA LYS A 219 -7.53 -32.73 -29.63
C LYS A 219 -8.88 -33.35 -29.93
N SER A 220 -8.91 -34.23 -30.94
CA SER A 220 -10.07 -35.06 -31.19
C SER A 220 -10.07 -36.23 -30.22
N CYS A 221 -11.19 -36.41 -29.51
CA CYS A 221 -11.26 -37.39 -28.44
C CYS A 221 -12.69 -37.59 -27.94
N ASP B 1 4.24 1.42 20.97
CA ASP B 1 3.48 2.57 21.44
C ASP B 1 1.98 2.35 21.27
N ILE B 2 1.47 2.66 20.08
CA ILE B 2 0.06 2.46 19.75
C ILE B 2 -0.05 1.17 18.95
N GLN B 3 -0.66 0.14 19.55
CA GLN B 3 -0.82 -1.16 18.91
C GLN B 3 -2.31 -1.40 18.67
N LEU B 4 -2.66 -1.78 17.44
CA LEU B 4 -4.03 -2.00 17.02
C LEU B 4 -4.30 -3.49 16.88
N THR B 5 -5.48 -3.93 17.30
CA THR B 5 -5.92 -5.32 17.14
C THR B 5 -7.35 -5.30 16.64
N GLN B 6 -7.61 -5.92 15.49
CA GLN B 6 -8.94 -5.95 14.92
C GLN B 6 -9.53 -7.35 15.02
N SER B 7 -10.85 -7.41 14.97
CA SER B 7 -11.59 -8.65 15.14
C SER B 7 -12.82 -8.64 14.23
N PRO B 8 -13.20 -9.82 13.69
CA PRO B 8 -12.47 -11.08 13.84
C PRO B 8 -11.38 -11.29 12.78
N ASP B 9 -10.77 -12.48 12.75
CA ASP B 9 -9.80 -12.78 11.71
C ASP B 9 -10.48 -12.88 10.34
N SER B 10 -11.61 -13.58 10.29
CA SER B 10 -12.39 -13.73 9.07
C SER B 10 -13.86 -13.60 9.42
N LEU B 11 -14.66 -13.23 8.41
CA LEU B 11 -16.11 -13.20 8.56
C LEU B 11 -16.74 -13.36 7.19
N ALA B 12 -17.73 -14.25 7.11
CA ALA B 12 -18.46 -14.52 5.88
C ALA B 12 -19.87 -13.94 6.01
N VAL B 13 -20.29 -13.16 5.02
CA VAL B 13 -21.56 -12.46 5.06
C VAL B 13 -22.28 -12.67 3.74
N SER B 14 -23.61 -12.82 3.82
CA SER B 14 -24.43 -12.93 2.63
C SER B 14 -24.47 -11.59 1.89
N LEU B 15 -24.76 -11.68 0.60
CA LEU B 15 -24.90 -10.47 -0.21
C LEU B 15 -26.12 -9.67 0.24
N GLY B 16 -25.93 -8.37 0.42
CA GLY B 16 -26.97 -7.49 0.90
C GLY B 16 -26.99 -7.26 2.38
N GLU B 17 -26.39 -8.15 3.17
CA GLU B 17 -26.34 -8.00 4.61
C GLU B 17 -25.25 -6.99 4.99
N ARG B 18 -24.92 -6.91 6.27
CA ARG B 18 -23.95 -5.95 6.77
C ARG B 18 -22.72 -6.67 7.28
N ALA B 19 -21.54 -6.17 6.91
CA ALA B 19 -20.27 -6.69 7.42
C ALA B 19 -19.66 -5.65 8.35
N THR B 20 -19.42 -6.02 9.60
CA THR B 20 -18.83 -5.12 10.58
C THR B 20 -17.50 -5.69 11.08
N ILE B 21 -16.53 -4.80 11.27
CA ILE B 21 -15.17 -5.15 11.68
C ILE B 21 -14.76 -4.23 12.82
N ASN B 22 -14.34 -4.81 13.94
CA ASN B 22 -13.92 -4.02 15.09
C ASN B 22 -12.42 -3.80 15.07
N CYS B 23 -12.00 -2.63 15.54
CA CYS B 23 -10.60 -2.28 15.73
C CYS B 23 -10.44 -1.69 17.13
N LYS B 24 -9.46 -2.18 17.88
CA LYS B 24 -9.25 -1.82 19.27
C LYS B 24 -7.79 -1.40 19.45
N SER B 25 -7.58 -0.17 19.88
CA SER B 25 -6.25 0.37 20.11
C SER B 25 -5.86 0.23 21.58
N SER B 26 -4.55 0.21 21.83
CA SER B 26 -4.00 0.11 23.17
C SER B 26 -3.90 1.47 23.86
N GLN B 27 -4.26 2.55 23.17
CA GLN B 27 -4.12 3.90 23.69
C GLN B 27 -4.90 4.83 22.77
N SER B 28 -5.60 5.80 23.35
CA SER B 28 -6.49 6.67 22.59
C SER B 28 -5.74 7.35 21.45
N VAL B 29 -6.48 7.62 20.36
CA VAL B 29 -5.89 8.22 19.17
C VAL B 29 -6.65 9.51 18.82
N LEU B 30 -7.19 10.17 19.84
CA LEU B 30 -7.93 11.42 19.66
C LEU B 30 -7.02 12.59 19.97
N TYR B 31 -6.94 13.54 19.03
CA TYR B 31 -6.32 14.84 19.30
C TYR B 31 -7.42 15.76 19.79
N SER B 32 -7.32 16.19 21.05
CA SER B 32 -8.47 16.78 21.74
C SER B 32 -8.93 18.08 21.12
N SER B 33 -8.01 18.86 20.54
CA SER B 33 -8.34 20.17 20.00
C SER B 33 -9.31 20.10 18.84
N ILE B 34 -8.88 19.50 17.71
CA ILE B 34 -9.75 19.41 16.55
C ILE B 34 -10.87 18.40 16.75
N ASN B 35 -10.75 17.50 17.72
CA ASN B 35 -11.75 16.48 18.02
C ASN B 35 -11.99 15.56 16.82
N LYS B 36 -10.92 14.91 16.39
CA LYS B 36 -10.97 13.88 15.37
C LYS B 36 -10.01 12.77 15.74
N ASN B 37 -10.46 11.53 15.59
CA ASN B 37 -9.59 10.38 15.86
C ASN B 37 -8.73 10.08 14.63
N TYR B 38 -7.45 9.81 14.87
CA TYR B 38 -6.49 9.64 13.78
C TYR B 38 -6.40 8.17 13.40
N LEU B 39 -7.45 7.70 12.74
CA LEU B 39 -7.58 6.30 12.36
C LEU B 39 -8.19 6.19 10.97
N ALA B 40 -7.60 5.34 10.14
CA ALA B 40 -8.01 5.11 8.77
C ALA B 40 -8.34 3.63 8.55
N TRP B 41 -9.16 3.40 7.53
CA TRP B 41 -9.53 2.06 7.07
C TRP B 41 -9.14 1.92 5.61
N TYR B 42 -8.44 0.82 5.31
CA TYR B 42 -7.94 0.47 4.00
C TYR B 42 -8.51 -0.87 3.55
N GLN B 43 -8.73 -0.99 2.24
CA GLN B 43 -9.20 -2.20 1.59
C GLN B 43 -8.12 -2.72 0.65
N GLN B 44 -7.93 -4.04 0.63
CA GLN B 44 -6.98 -4.67 -0.28
C GLN B 44 -7.65 -5.87 -0.94
N LYS B 45 -7.97 -5.72 -2.22
CA LYS B 45 -8.45 -6.81 -3.06
C LYS B 45 -7.25 -7.60 -3.59
N PRO B 46 -7.45 -8.86 -3.97
CA PRO B 46 -6.32 -9.71 -4.35
C PRO B 46 -5.53 -9.13 -5.52
N GLY B 47 -4.21 -9.09 -5.35
CA GLY B 47 -3.29 -8.68 -6.39
C GLY B 47 -3.17 -7.20 -6.61
N GLN B 48 -3.65 -6.37 -5.70
CA GLN B 48 -3.68 -4.93 -5.87
C GLN B 48 -3.17 -4.22 -4.63
N PRO B 49 -2.66 -3.00 -4.79
CA PRO B 49 -2.22 -2.21 -3.62
C PRO B 49 -3.40 -1.81 -2.75
N PRO B 50 -3.17 -1.51 -1.47
CA PRO B 50 -4.26 -1.07 -0.60
C PRO B 50 -4.88 0.24 -1.09
N LYS B 51 -6.11 0.47 -0.65
CA LYS B 51 -6.89 1.64 -1.05
C LYS B 51 -7.47 2.30 0.19
N LEU B 52 -7.20 3.59 0.36
CA LEU B 52 -7.72 4.32 1.51
C LEU B 52 -9.22 4.53 1.35
N LEU B 53 -9.99 3.94 2.26
CA LEU B 53 -11.44 4.12 2.30
C LEU B 53 -11.86 5.22 3.25
N ILE B 54 -11.40 5.18 4.49
CA ILE B 54 -11.90 6.10 5.51
C ILE B 54 -10.74 6.69 6.30
N TYR B 55 -10.83 7.96 6.63
CA TYR B 55 -9.89 8.61 7.54
C TYR B 55 -10.65 9.45 8.54
N TRP B 56 -9.97 9.79 9.64
CA TRP B 56 -10.59 10.43 10.81
C TRP B 56 -11.77 9.61 11.32
N ALA B 57 -11.73 8.31 11.05
CA ALA B 57 -12.58 7.28 11.64
C ALA B 57 -14.02 7.35 11.14
N SER B 58 -14.39 8.44 10.48
CA SER B 58 -15.74 8.54 9.95
C SER B 58 -15.85 9.30 8.63
N THR B 59 -14.74 9.76 8.05
CA THR B 59 -14.78 10.55 6.83
C THR B 59 -14.34 9.69 5.66
N ARG B 60 -15.13 9.71 4.59
CA ARG B 60 -14.86 8.90 3.42
C ARG B 60 -13.92 9.63 2.47
N GLU B 61 -12.96 8.90 1.92
CA GLU B 61 -12.19 9.39 0.80
C GLU B 61 -13.12 9.67 -0.38
N SER B 62 -12.72 10.61 -1.23
CA SER B 62 -13.53 10.93 -2.40
C SER B 62 -13.55 9.76 -3.37
N GLY B 63 -14.76 9.39 -3.82
CA GLY B 63 -14.95 8.26 -4.70
C GLY B 63 -15.45 7.00 -4.02
N VAL B 64 -15.42 6.96 -2.69
CA VAL B 64 -15.85 5.77 -1.96
C VAL B 64 -17.37 5.77 -1.86
N PRO B 65 -18.04 4.66 -2.19
CA PRO B 65 -19.51 4.64 -2.13
C PRO B 65 -20.03 4.78 -0.71
N ASP B 66 -21.32 5.11 -0.62
CA ASP B 66 -21.93 5.44 0.66
C ASP B 66 -22.14 4.24 1.56
N ARG B 67 -22.12 3.02 1.01
CA ARG B 67 -22.36 1.85 1.85
C ARG B 67 -21.20 1.57 2.81
N PHE B 68 -20.03 2.15 2.56
CA PHE B 68 -18.93 2.08 3.51
C PHE B 68 -19.12 3.15 4.58
N SER B 69 -19.00 2.77 5.84
CA SER B 69 -19.26 3.68 6.94
C SER B 69 -18.30 3.38 8.09
N GLY B 70 -17.67 4.42 8.63
CA GLY B 70 -16.81 4.29 9.80
C GLY B 70 -17.50 4.91 11.01
N SER B 71 -17.22 4.36 12.19
CA SER B 71 -17.69 4.98 13.42
C SER B 71 -16.84 4.47 14.57
N GLY B 72 -17.11 5.01 15.76
CA GLY B 72 -16.33 4.71 16.94
C GLY B 72 -15.58 5.93 17.45
N SER B 73 -14.98 5.74 18.62
CA SER B 73 -14.22 6.81 19.26
C SER B 73 -13.34 6.23 20.35
N GLY B 74 -12.49 7.08 20.92
CA GLY B 74 -11.61 6.71 22.00
C GLY B 74 -10.69 5.57 21.60
N THR B 75 -10.99 4.39 22.12
CA THR B 75 -10.21 3.21 21.85
C THR B 75 -10.89 2.20 20.94
N ASP B 76 -12.19 2.36 20.63
CA ASP B 76 -12.92 1.34 19.90
C ASP B 76 -13.55 1.92 18.64
N PHE B 77 -13.34 1.26 17.51
CA PHE B 77 -13.87 1.72 16.24
C PHE B 77 -14.43 0.54 15.47
N THR B 78 -15.36 0.83 14.57
CA THR B 78 -15.94 -0.18 13.69
C THR B 78 -16.02 0.33 12.26
N LEU B 79 -15.77 -0.58 11.32
CA LEU B 79 -16.05 -0.40 9.90
C LEU B 79 -17.27 -1.23 9.55
N THR B 80 -18.24 -0.62 8.86
CA THR B 80 -19.45 -1.31 8.46
C THR B 80 -19.67 -1.13 6.96
N ILE B 81 -19.81 -2.25 6.26
CA ILE B 81 -20.19 -2.25 4.86
C ILE B 81 -21.65 -2.66 4.80
N SER B 82 -22.50 -1.70 4.45
CA SER B 82 -23.89 -1.94 4.12
C SER B 82 -24.00 -2.48 2.71
N SER B 83 -25.17 -3.07 2.42
CA SER B 83 -25.52 -3.57 1.09
C SER B 83 -24.34 -4.31 0.45
N LEU B 84 -23.87 -5.33 1.17
CA LEU B 84 -22.66 -6.04 0.79
C LEU B 84 -22.74 -6.54 -0.65
N GLN B 85 -21.73 -6.20 -1.44
CA GLN B 85 -21.67 -6.58 -2.85
C GLN B 85 -20.51 -7.53 -3.08
N ALA B 86 -20.56 -8.22 -4.23
CA ALA B 86 -19.60 -9.28 -4.52
C ALA B 86 -18.18 -8.74 -4.62
N GLU B 87 -18.01 -7.59 -5.28
CA GLU B 87 -16.70 -7.01 -5.50
C GLU B 87 -16.05 -6.50 -4.21
N ASP B 88 -16.75 -6.55 -3.07
CA ASP B 88 -16.19 -6.17 -1.78
C ASP B 88 -15.46 -7.31 -1.09
N VAL B 89 -15.16 -8.40 -1.80
CA VAL B 89 -14.39 -9.49 -1.22
C VAL B 89 -12.92 -9.06 -1.20
N ALA B 90 -12.37 -8.89 0.00
CA ALA B 90 -11.05 -8.31 0.17
C ALA B 90 -10.67 -8.41 1.65
N VAL B 91 -9.44 -8.00 1.95
CA VAL B 91 -8.95 -7.91 3.32
C VAL B 91 -8.95 -6.45 3.73
N TYR B 92 -9.49 -6.16 4.91
CA TYR B 92 -9.62 -4.80 5.40
C TYR B 92 -8.73 -4.61 6.62
N TYR B 93 -7.98 -3.51 6.64
CA TYR B 93 -7.09 -3.17 7.75
C TYR B 93 -7.47 -1.81 8.33
N CYS B 94 -7.34 -1.69 9.65
CA CYS B 94 -7.32 -0.37 10.28
C CYS B 94 -5.89 0.08 10.50
N GLN B 95 -5.71 1.38 10.64
CA GLN B 95 -4.38 1.96 10.83
C GLN B 95 -4.51 3.23 11.64
N GLN B 96 -3.59 3.45 12.56
CA GLN B 96 -3.52 4.70 13.31
C GLN B 96 -2.41 5.56 12.73
N TYR B 97 -2.71 6.83 12.49
CA TYR B 97 -1.70 7.81 12.13
C TYR B 97 -1.61 8.91 13.18
N TYR B 98 -1.89 8.54 14.44
CA TYR B 98 -1.73 9.46 15.56
C TYR B 98 -0.25 9.70 15.87
N SER B 99 0.48 8.63 16.12
CA SER B 99 1.89 8.70 16.47
C SER B 99 2.75 8.01 15.43
N THR B 100 3.96 8.53 15.23
CA THR B 100 4.82 7.54 14.61
C THR B 100 5.55 6.74 15.68
N PRO B 101 5.79 5.44 15.47
CA PRO B 101 5.55 4.65 14.25
C PRO B 101 4.08 4.30 14.00
N TYR B 102 3.65 4.43 12.75
CA TYR B 102 2.30 4.02 12.37
C TYR B 102 2.13 2.53 12.60
N THR B 103 0.86 2.11 12.75
CA THR B 103 0.54 0.72 13.04
C THR B 103 -0.71 0.31 12.29
N PHE B 104 -0.64 -0.85 11.64
CA PHE B 104 -1.79 -1.48 11.01
C PHE B 104 -2.38 -2.53 11.94
N GLY B 105 -3.68 -2.75 11.80
CA GLY B 105 -4.28 -3.95 12.32
C GLY B 105 -3.88 -5.18 11.51
N GLN B 106 -4.05 -6.35 12.10
CA GLN B 106 -3.59 -7.57 11.45
C GLN B 106 -4.45 -7.98 10.25
N GLY B 107 -5.63 -7.38 10.09
CA GLY B 107 -6.39 -7.59 8.88
C GLY B 107 -7.57 -8.54 9.06
N THR B 108 -8.63 -8.28 8.32
CA THR B 108 -9.85 -9.08 8.37
C THR B 108 -10.27 -9.40 6.95
N LYS B 109 -10.28 -10.69 6.61
CA LYS B 109 -10.75 -11.13 5.29
C LYS B 109 -12.26 -11.24 5.30
N VAL B 110 -12.91 -10.57 4.34
CA VAL B 110 -14.36 -10.62 4.21
C VAL B 110 -14.70 -11.56 3.07
N GLU B 111 -15.53 -12.57 3.35
CA GLU B 111 -15.99 -13.53 2.36
C GLU B 111 -17.48 -13.35 2.11
N ILE B 112 -17.96 -14.00 1.07
CA ILE B 112 -19.35 -13.88 0.63
C ILE B 112 -20.06 -15.20 0.85
N LYS B 113 -21.28 -15.12 1.39
CA LYS B 113 -22.21 -16.23 1.39
C LYS B 113 -23.22 -15.98 0.27
N ARG B 114 -23.31 -16.93 -0.66
CA ARG B 114 -24.21 -16.80 -1.80
C ARG B 114 -25.05 -18.08 -1.91
N THR B 115 -25.88 -18.12 -2.97
CA THR B 115 -26.68 -19.30 -3.21
C THR B 115 -25.82 -20.41 -3.81
N VAL B 116 -26.27 -21.65 -3.62
CA VAL B 116 -25.51 -22.80 -4.06
C VAL B 116 -25.34 -22.79 -5.57
N ALA B 117 -24.13 -23.11 -6.02
CA ALA B 117 -23.80 -23.22 -7.44
C ALA B 117 -23.08 -24.53 -7.69
N ALA B 118 -23.60 -25.33 -8.60
CA ALA B 118 -23.02 -26.64 -8.90
C ALA B 118 -21.80 -26.49 -9.80
N PRO B 119 -20.74 -27.26 -9.57
CA PRO B 119 -19.52 -27.10 -10.35
C PRO B 119 -19.62 -27.68 -11.74
N SER B 120 -18.91 -27.06 -12.68
CA SER B 120 -18.68 -27.70 -13.97
C SER B 120 -17.37 -28.48 -13.90
N VAL B 121 -17.40 -29.75 -14.26
CA VAL B 121 -16.24 -30.61 -14.13
C VAL B 121 -15.65 -30.89 -15.50
N PHE B 122 -14.33 -30.78 -15.60
CA PHE B 122 -13.60 -31.13 -16.81
C PHE B 122 -12.38 -31.96 -16.42
N ILE B 123 -11.86 -32.73 -17.37
CA ILE B 123 -10.67 -33.53 -17.14
C ILE B 123 -9.75 -33.42 -18.35
N PHE B 124 -8.44 -33.43 -18.07
CA PHE B 124 -7.40 -33.26 -19.07
C PHE B 124 -6.43 -34.42 -18.95
N PRO B 125 -6.27 -35.23 -19.99
CA PRO B 125 -5.26 -36.28 -20.00
C PRO B 125 -3.87 -35.68 -20.12
N PRO B 126 -2.84 -36.42 -19.78
CA PRO B 126 -1.47 -35.89 -19.93
C PRO B 126 -1.13 -35.63 -21.39
N SER B 127 -0.43 -34.54 -21.63
CA SER B 127 0.11 -34.28 -22.95
C SER B 127 1.18 -35.32 -23.28
N ASP B 128 1.43 -35.50 -24.58
CA ASP B 128 2.48 -36.42 -25.00
C ASP B 128 3.87 -35.84 -24.73
N GLU B 129 4.02 -34.52 -24.87
CA GLU B 129 5.26 -33.87 -24.50
C GLU B 129 5.65 -34.18 -23.07
N GLN B 130 4.69 -34.07 -22.15
CA GLN B 130 4.95 -34.51 -20.78
C GLN B 130 5.10 -36.02 -20.68
N LEU B 131 4.58 -36.77 -21.65
CA LEU B 131 4.84 -38.21 -21.61
C LEU B 131 6.26 -38.53 -22.00
N LYS B 132 6.96 -37.60 -22.66
CA LYS B 132 8.41 -37.71 -22.77
C LYS B 132 9.12 -37.37 -21.47
N SER B 133 8.43 -36.77 -20.50
CA SER B 133 9.08 -36.43 -19.24
C SER B 133 9.36 -37.64 -18.37
N GLY B 134 8.72 -38.77 -18.64
CA GLY B 134 8.67 -39.85 -17.68
C GLY B 134 7.62 -39.66 -16.62
N THR B 135 6.79 -38.62 -16.74
CA THR B 135 5.77 -38.27 -15.77
C THR B 135 4.47 -37.98 -16.50
N ALA B 136 3.36 -38.39 -15.90
CA ALA B 136 2.03 -38.06 -16.40
C ALA B 136 1.28 -37.30 -15.32
N SER B 137 0.71 -36.16 -15.69
CA SER B 137 -0.15 -35.39 -14.79
C SER B 137 -1.55 -35.31 -15.40
N VAL B 138 -2.49 -36.00 -14.79
CA VAL B 138 -3.90 -35.92 -15.18
C VAL B 138 -4.55 -34.85 -14.33
N VAL B 139 -5.24 -33.90 -14.97
CA VAL B 139 -5.76 -32.75 -14.25
C VAL B 139 -7.29 -32.75 -14.32
N CYS B 140 -7.93 -32.41 -13.20
CA CYS B 140 -9.38 -32.34 -13.13
C CYS B 140 -9.77 -30.98 -12.55
N LEU B 141 -10.72 -30.31 -13.21
CA LEU B 141 -11.07 -28.92 -12.92
C LEU B 141 -12.53 -28.83 -12.51
N LEU B 142 -12.77 -28.25 -11.33
CA LEU B 142 -14.10 -27.87 -10.89
C LEU B 142 -14.23 -26.37 -11.04
N ASN B 143 -15.20 -25.92 -11.83
CA ASN B 143 -15.31 -24.52 -12.22
C ASN B 143 -16.55 -23.91 -11.59
N ASN B 144 -16.34 -22.77 -10.90
CA ASN B 144 -17.38 -21.80 -10.57
C ASN B 144 -18.53 -22.43 -9.80
N PHE B 145 -18.21 -22.91 -8.60
CA PHE B 145 -19.16 -23.55 -7.71
C PHE B 145 -19.20 -22.83 -6.36
N TYR B 146 -20.25 -23.11 -5.60
CA TYR B 146 -20.42 -22.62 -4.23
C TYR B 146 -21.33 -23.61 -3.51
N PRO B 147 -21.03 -23.94 -2.24
CA PRO B 147 -19.94 -23.44 -1.38
C PRO B 147 -18.57 -24.01 -1.73
N ARG B 148 -17.56 -23.67 -0.92
CA ARG B 148 -16.19 -24.01 -1.22
C ARG B 148 -15.90 -25.49 -1.02
N GLU B 149 -16.51 -26.12 -0.03
CA GLU B 149 -16.21 -27.52 0.28
C GLU B 149 -16.70 -28.43 -0.85
N ALA B 150 -15.77 -29.15 -1.47
CA ALA B 150 -16.09 -30.13 -2.49
C ALA B 150 -15.20 -31.34 -2.29
N LYS B 151 -15.63 -32.48 -2.82
CA LYS B 151 -14.84 -33.71 -2.73
C LYS B 151 -14.47 -34.18 -4.13
N VAL B 152 -13.18 -34.42 -4.34
CA VAL B 152 -12.66 -34.96 -5.60
C VAL B 152 -12.00 -36.29 -5.29
N GLN B 153 -12.53 -37.37 -5.88
CA GLN B 153 -11.98 -38.70 -5.69
C GLN B 153 -11.43 -39.20 -7.02
N TRP B 154 -10.17 -39.64 -6.99
CA TRP B 154 -9.50 -40.16 -8.17
C TRP B 154 -9.68 -41.67 -8.22
N LYS B 155 -10.09 -42.17 -9.38
CA LYS B 155 -10.20 -43.60 -9.61
C LYS B 155 -9.38 -43.97 -10.84
N VAL B 156 -8.71 -45.12 -10.76
CA VAL B 156 -7.88 -45.62 -11.84
C VAL B 156 -8.18 -47.12 -11.95
N ASP B 157 -8.84 -47.51 -13.03
CA ASP B 157 -9.39 -48.87 -13.18
C ASP B 157 -10.39 -49.16 -12.08
N ASN B 158 -11.19 -48.16 -11.73
CA ASN B 158 -12.16 -48.20 -10.65
C ASN B 158 -11.53 -48.38 -9.27
N ALA B 159 -10.20 -48.35 -9.19
CA ALA B 159 -9.50 -48.37 -7.91
C ALA B 159 -9.37 -46.95 -7.40
N LEU B 160 -9.76 -46.75 -6.14
CA LEU B 160 -9.80 -45.41 -5.56
C LEU B 160 -8.40 -45.00 -5.11
N GLN B 161 -7.95 -43.84 -5.57
CA GLN B 161 -6.57 -43.42 -5.44
C GLN B 161 -6.35 -42.54 -4.20
N SER B 162 -5.25 -42.80 -3.50
CA SER B 162 -4.85 -42.02 -2.33
C SER B 162 -3.34 -41.88 -2.32
N GLY B 163 -2.87 -40.64 -2.19
CA GLY B 163 -1.45 -40.36 -2.04
C GLY B 163 -0.75 -39.78 -3.25
N ASN B 164 -1.47 -39.47 -4.33
CA ASN B 164 -0.82 -38.97 -5.54
C ASN B 164 -1.56 -37.82 -6.19
N SER B 165 -2.38 -37.07 -5.45
CA SER B 165 -3.15 -35.97 -6.00
C SER B 165 -2.96 -34.72 -5.15
N GLN B 166 -2.95 -33.56 -5.80
CA GLN B 166 -2.79 -32.28 -5.13
C GLN B 166 -3.88 -31.33 -5.61
N GLU B 167 -4.52 -30.65 -4.65
CA GLU B 167 -5.62 -29.73 -4.94
C GLU B 167 -5.22 -28.29 -4.64
N SER B 168 -5.81 -27.36 -5.40
CA SER B 168 -5.59 -25.94 -5.24
C SER B 168 -6.89 -25.20 -5.54
N VAL B 169 -7.26 -24.26 -4.67
CA VAL B 169 -8.49 -23.48 -4.82
C VAL B 169 -8.12 -22.04 -5.14
N THR B 170 -9.00 -21.36 -5.86
CA THR B 170 -8.83 -19.97 -6.21
C THR B 170 -9.43 -19.07 -5.13
N GLU B 171 -9.07 -17.79 -5.19
CA GLU B 171 -9.77 -16.79 -4.41
C GLU B 171 -11.22 -16.69 -4.86
N GLN B 172 -12.08 -16.21 -3.97
CA GLN B 172 -13.48 -16.08 -4.33
C GLN B 172 -13.63 -15.06 -5.45
N ASP B 173 -14.35 -15.46 -6.50
CA ASP B 173 -14.55 -14.59 -7.65
C ASP B 173 -15.28 -13.32 -7.23
N SER B 174 -14.79 -12.18 -7.70
CA SER B 174 -15.35 -10.89 -7.30
C SER B 174 -16.60 -10.51 -8.08
N LYS B 175 -16.95 -11.23 -9.14
CA LYS B 175 -18.18 -10.94 -9.88
C LYS B 175 -19.34 -11.85 -9.52
N ASP B 176 -19.09 -13.14 -9.30
CA ASP B 176 -20.17 -14.07 -8.98
C ASP B 176 -19.93 -14.89 -7.71
N SER B 177 -18.87 -14.59 -6.95
CA SER B 177 -18.66 -15.13 -5.61
C SER B 177 -18.51 -16.66 -5.60
N THR B 178 -18.00 -17.24 -6.68
CA THR B 178 -17.78 -18.68 -6.73
C THR B 178 -16.30 -19.00 -6.58
N TYR B 179 -16.03 -20.30 -6.46
CA TYR B 179 -14.67 -20.80 -6.33
C TYR B 179 -14.34 -21.75 -7.49
N SER B 180 -13.05 -21.98 -7.68
CA SER B 180 -12.56 -22.94 -8.65
C SER B 180 -11.53 -23.82 -7.98
N LEU B 181 -11.55 -25.11 -8.29
CA LEU B 181 -10.64 -26.07 -7.69
C LEU B 181 -9.96 -26.90 -8.77
N SER B 182 -8.72 -27.28 -8.50
CA SER B 182 -7.88 -28.03 -9.42
C SER B 182 -7.25 -29.19 -8.67
N SER B 183 -7.47 -30.41 -9.16
CA SER B 183 -6.89 -31.60 -8.54
C SER B 183 -6.04 -32.32 -9.59
N THR B 184 -4.77 -32.52 -9.29
CA THR B 184 -3.82 -33.08 -10.24
C THR B 184 -3.25 -34.38 -9.69
N LEU B 185 -3.46 -35.46 -10.43
CA LEU B 185 -2.86 -36.76 -10.13
C LEU B 185 -1.57 -36.90 -10.93
N THR B 186 -0.47 -37.20 -10.24
CA THR B 186 0.85 -37.27 -10.84
C THR B 186 1.39 -38.68 -10.69
N LEU B 187 1.77 -39.29 -11.81
CA LEU B 187 2.24 -40.67 -11.84
C LEU B 187 3.48 -40.77 -12.69
N SER B 188 4.15 -41.91 -12.58
CA SER B 188 5.20 -42.27 -13.51
C SER B 188 4.61 -42.48 -14.90
N LYS B 189 5.47 -42.34 -15.92
CA LYS B 189 5.07 -42.76 -17.25
C LYS B 189 4.74 -44.24 -17.28
N ALA B 190 5.47 -45.04 -16.48
CA ALA B 190 5.27 -46.48 -16.49
C ALA B 190 3.94 -46.86 -15.84
N ASP B 191 3.67 -46.34 -14.65
CA ASP B 191 2.43 -46.69 -13.97
C ASP B 191 1.22 -46.13 -14.70
N TYR B 192 1.34 -44.94 -15.29
CA TYR B 192 0.28 -44.44 -16.15
C TYR B 192 0.09 -45.35 -17.35
N GLU B 193 1.20 -45.85 -17.92
CA GLU B 193 1.13 -46.79 -19.02
C GLU B 193 0.41 -48.08 -18.62
N LYS B 194 0.45 -48.43 -17.34
CA LYS B 194 -0.07 -49.72 -16.90
C LYS B 194 -1.59 -49.78 -16.93
N HIS B 195 -2.26 -48.64 -16.83
CA HIS B 195 -3.69 -48.63 -16.54
C HIS B 195 -4.49 -48.03 -17.70
N LYS B 196 -5.81 -48.17 -17.60
CA LYS B 196 -6.70 -48.04 -18.74
C LYS B 196 -7.67 -46.86 -18.59
N VAL B 197 -8.47 -46.81 -17.53
CA VAL B 197 -9.47 -45.77 -17.36
C VAL B 197 -9.11 -44.90 -16.17
N TYR B 198 -9.18 -43.59 -16.36
CA TYR B 198 -8.93 -42.61 -15.31
C TYR B 198 -10.18 -41.77 -15.13
N ALA B 199 -10.67 -41.69 -13.89
CA ALA B 199 -11.95 -41.08 -13.58
C ALA B 199 -11.81 -40.07 -12.46
N CYS B 200 -12.43 -38.91 -12.66
CA CYS B 200 -12.58 -37.87 -11.65
C CYS B 200 -14.02 -37.93 -11.17
N GLU B 201 -14.22 -38.29 -9.90
CA GLU B 201 -15.55 -38.38 -9.30
C GLU B 201 -15.71 -37.21 -8.33
N VAL B 202 -16.60 -36.29 -8.67
CA VAL B 202 -16.81 -35.06 -7.93
C VAL B 202 -18.11 -35.19 -7.16
N THR B 203 -18.05 -34.92 -5.86
CA THR B 203 -19.22 -34.84 -4.99
C THR B 203 -19.34 -33.42 -4.46
N HIS B 204 -20.54 -32.87 -4.55
CA HIS B 204 -20.80 -31.48 -4.17
C HIS B 204 -22.23 -31.33 -3.71
N GLN B 205 -22.48 -30.26 -2.96
CA GLN B 205 -23.80 -30.01 -2.38
C GLN B 205 -24.84 -29.72 -3.46
N GLY B 206 -24.42 -29.03 -4.53
CA GLY B 206 -25.32 -28.69 -5.62
C GLY B 206 -25.53 -29.77 -6.65
N LEU B 207 -25.05 -30.98 -6.39
CA LEU B 207 -25.20 -32.11 -7.31
C LEU B 207 -26.07 -33.17 -6.67
N SER B 208 -27.18 -33.49 -7.34
CA SER B 208 -28.02 -34.61 -6.93
C SER B 208 -27.17 -35.87 -6.77
N SER B 209 -26.38 -36.18 -7.78
CA SER B 209 -25.59 -37.39 -7.86
C SER B 209 -24.13 -37.03 -8.09
N PRO B 210 -23.20 -37.80 -7.52
CA PRO B 210 -21.79 -37.64 -7.86
C PRO B 210 -21.57 -37.69 -9.37
N VAL B 211 -20.86 -36.68 -9.88
CA VAL B 211 -20.63 -36.55 -11.32
C VAL B 211 -19.23 -37.06 -11.62
N THR B 212 -19.11 -37.90 -12.64
CA THR B 212 -17.82 -38.49 -12.98
C THR B 212 -17.47 -38.15 -14.42
N LYS B 213 -16.26 -37.62 -14.63
CA LYS B 213 -15.71 -37.46 -15.97
C LYS B 213 -14.47 -38.33 -16.08
N SER B 214 -14.47 -39.21 -17.08
CA SER B 214 -13.44 -40.22 -17.21
C SER B 214 -12.97 -40.33 -18.65
N PHE B 215 -11.73 -40.77 -18.81
CA PHE B 215 -11.16 -41.03 -20.12
C PHE B 215 -10.38 -42.33 -20.07
N ASN B 216 -10.02 -42.83 -21.26
CA ASN B 216 -9.26 -44.06 -21.42
C ASN B 216 -7.95 -43.75 -22.12
N ARG B 217 -6.84 -44.19 -21.51
CA ARG B 217 -5.52 -43.91 -22.05
C ARG B 217 -5.42 -44.35 -23.50
N GLY B 218 -4.98 -43.43 -24.36
CA GLY B 218 -4.90 -43.66 -25.77
C GLY B 218 -6.12 -43.23 -26.56
N GLU B 219 -7.21 -42.84 -25.90
CA GLU B 219 -8.37 -42.37 -26.63
C GLU B 219 -8.05 -41.11 -27.42
N CYS B 220 -7.18 -40.26 -26.90
CA CYS B 220 -6.83 -39.00 -27.55
C CYS B 220 -5.58 -39.14 -28.41
N CYS C 18 -8.61 33.88 1.39
CA CYS C 18 -8.54 34.87 0.32
C CYS C 18 -7.28 35.76 0.34
N PRO C 19 -7.00 36.46 1.44
CA PRO C 19 -5.98 37.52 1.41
C PRO C 19 -4.54 37.03 1.44
N PHE C 20 -4.30 35.72 1.24
CA PHE C 20 -2.95 35.18 1.19
C PHE C 20 -2.08 35.93 0.18
N GLY C 21 -2.71 36.55 -0.81
CA GLY C 21 -1.99 37.34 -1.79
C GLY C 21 -1.14 38.45 -1.20
N GLU C 22 -1.39 38.82 0.06
CA GLU C 22 -0.55 39.81 0.73
C GLU C 22 0.12 39.25 1.98
N VAL C 23 0.08 37.94 2.19
CA VAL C 23 0.81 37.29 3.27
C VAL C 23 2.02 36.52 2.74
N PHE C 24 1.81 35.81 1.63
CA PHE C 24 2.92 35.07 0.98
C PHE C 24 3.62 36.05 0.03
N ASN C 25 2.83 36.98 -0.48
CA ASN C 25 3.31 38.04 -1.42
C ASN C 25 3.42 39.35 -0.65
N ALA C 26 4.00 39.31 0.55
CA ALA C 26 4.20 40.52 1.37
C ALA C 26 5.53 41.16 0.96
N THR C 27 5.57 42.49 0.86
CA THR C 27 6.78 43.18 0.41
C THR C 27 7.99 42.78 1.27
N LYS C 28 7.86 42.88 2.58
CA LYS C 28 8.90 42.44 3.49
C LYS C 28 8.26 41.76 4.70
N PHE C 29 9.10 41.13 5.49
CA PHE C 29 8.68 40.26 6.57
C PHE C 29 9.36 40.66 7.87
N PRO C 30 8.71 40.44 9.01
CA PRO C 30 9.42 40.53 10.29
C PRO C 30 10.49 39.46 10.34
N SER C 31 11.37 39.57 11.33
CA SER C 31 12.34 38.52 11.56
C SER C 31 12.09 37.92 12.95
N VAL C 32 12.72 36.77 13.17
CA VAL C 32 12.13 35.70 13.95
C VAL C 32 11.92 36.01 15.43
N TYR C 33 12.65 36.96 16.00
CA TYR C 33 12.39 37.28 17.40
C TYR C 33 11.07 38.01 17.56
N ALA C 34 10.57 38.67 16.51
CA ALA C 34 9.37 39.49 16.59
C ALA C 34 8.42 39.20 15.44
N TRP C 35 8.25 37.93 15.10
CA TRP C 35 7.21 37.43 14.22
C TRP C 35 5.84 37.88 14.69
N GLU C 36 4.84 37.90 13.80
CA GLU C 36 3.46 38.05 14.27
C GLU C 36 2.49 37.53 13.21
N ARG C 37 1.24 37.37 13.66
CA ARG C 37 0.19 36.56 13.04
C ARG C 37 -0.58 37.31 11.98
N LYS C 38 -1.57 36.60 11.40
CA LYS C 38 -2.61 37.16 10.56
C LYS C 38 -3.84 36.28 10.74
N LYS C 39 -5.02 36.81 10.40
CA LYS C 39 -6.28 36.09 10.41
C LYS C 39 -6.78 35.80 9.01
N ILE C 40 -7.25 34.59 8.80
CA ILE C 40 -8.18 34.37 7.71
C ILE C 40 -9.53 34.15 8.38
N SER C 41 -10.26 35.23 8.63
CA SER C 41 -11.66 35.16 9.01
C SER C 41 -12.48 35.43 7.75
N ASN C 42 -13.80 35.33 7.89
CA ASN C 42 -14.77 35.81 6.90
C ASN C 42 -14.39 35.46 5.46
N CYS C 43 -13.74 34.31 5.26
CA CYS C 43 -13.21 33.96 3.95
C CYS C 43 -13.75 32.59 3.52
N VAL C 44 -13.47 32.26 2.27
CA VAL C 44 -13.40 30.89 1.80
C VAL C 44 -12.00 30.70 1.22
N ALA C 45 -11.38 29.57 1.53
CA ALA C 45 -9.95 29.39 1.28
C ALA C 45 -9.73 28.30 0.22
N ASP C 46 -8.92 28.63 -0.78
CA ASP C 46 -8.40 27.64 -1.71
C ASP C 46 -6.90 27.57 -1.49
N TYR C 47 -6.43 26.43 -0.98
CA TYR C 47 -5.03 26.25 -0.62
C TYR C 47 -4.17 25.76 -1.78
N SER C 48 -4.75 25.59 -2.97
CA SER C 48 -3.97 25.12 -4.11
C SER C 48 -2.95 26.14 -4.57
N VAL C 49 -3.17 27.43 -4.29
CA VAL C 49 -2.19 28.47 -4.59
C VAL C 49 -0.92 28.20 -3.78
N LEU C 50 -0.98 27.19 -2.92
CA LEU C 50 0.17 26.64 -2.24
C LEU C 50 0.49 25.20 -2.62
N TYR C 51 -0.50 24.49 -3.17
CA TYR C 51 -0.25 23.12 -3.71
C TYR C 51 0.58 23.28 -4.98
N ASN C 52 0.07 24.11 -5.90
CA ASN C 52 0.71 24.37 -7.22
C ASN C 52 1.65 25.58 -7.12
N SER C 53 2.71 25.47 -6.32
CA SER C 53 3.71 26.54 -6.14
C SER C 53 5.10 25.91 -6.25
N THR C 54 5.61 25.75 -7.47
CA THR C 54 6.86 25.03 -7.66
C THR C 54 8.04 25.70 -6.96
N PHE C 55 7.86 26.86 -6.33
CA PHE C 55 8.98 27.59 -5.74
C PHE C 55 9.14 27.38 -4.25
N PHE C 56 8.21 26.69 -3.60
CA PHE C 56 8.34 26.46 -2.16
C PHE C 56 9.47 25.48 -1.87
N SER C 57 10.39 25.90 -1.02
CA SER C 57 11.50 25.02 -0.63
C SER C 57 11.00 23.86 0.22
N THR C 58 10.20 24.14 1.24
CA THR C 58 9.57 23.09 2.03
C THR C 58 8.11 23.44 2.31
N PHE C 59 7.32 22.39 2.48
CA PHE C 59 5.88 22.44 2.74
C PHE C 59 5.58 21.26 3.67
N LYS C 60 5.62 21.52 4.98
CA LYS C 60 5.52 20.48 6.01
C LYS C 60 4.29 20.72 6.87
N CYS C 61 3.25 19.92 6.65
CA CYS C 61 2.01 19.98 7.42
C CYS C 61 1.98 18.85 8.44
N TYR C 62 1.47 19.17 9.62
CA TYR C 62 1.44 18.27 10.77
C TYR C 62 -0.01 18.07 11.17
N GLY C 63 -0.44 16.81 11.26
CA GLY C 63 -1.77 16.50 11.74
C GLY C 63 -2.92 16.70 10.78
N VAL C 64 -2.73 17.33 9.62
CA VAL C 64 -3.78 17.44 8.60
C VAL C 64 -3.17 17.24 7.21
N SER C 65 -3.86 16.48 6.36
CA SER C 65 -3.46 16.31 4.97
C SER C 65 -3.63 17.61 4.20
N ALA C 66 -2.58 18.05 3.51
CA ALA C 66 -2.62 19.30 2.77
C ALA C 66 -3.69 19.27 1.68
N THR C 67 -3.63 18.28 0.79
CA THR C 67 -4.45 18.30 -0.42
C THR C 67 -5.94 18.12 -0.15
N LYS C 68 -6.37 17.98 1.10
CA LYS C 68 -7.80 17.94 1.43
C LYS C 68 -8.18 19.02 2.44
N LEU C 69 -7.33 20.04 2.59
CA LEU C 69 -7.61 21.14 3.50
C LEU C 69 -8.88 21.88 3.11
N ASN C 70 -9.17 21.95 1.81
CA ASN C 70 -10.41 22.58 1.35
C ASN C 70 -11.64 21.88 1.91
N ASP C 71 -11.51 20.63 2.37
CA ASP C 71 -12.65 19.91 2.93
C ASP C 71 -13.09 20.44 4.28
N LEU C 72 -12.22 21.17 4.98
CA LEU C 72 -12.41 21.46 6.40
C LEU C 72 -12.97 22.86 6.61
N CYS C 73 -13.36 23.10 7.87
CA CYS C 73 -13.96 24.35 8.31
C CYS C 73 -13.42 24.69 9.68
N PHE C 74 -12.94 25.93 9.83
CA PHE C 74 -12.39 26.42 11.08
C PHE C 74 -13.00 27.78 11.39
N SER C 75 -12.79 28.25 12.62
CA SER C 75 -13.21 29.61 12.97
C SER C 75 -12.24 30.63 12.43
N ASN C 76 -10.95 30.50 12.77
CA ASN C 76 -9.93 31.36 12.18
C ASN C 76 -8.69 30.55 11.82
N VAL C 77 -7.93 31.07 10.86
CA VAL C 77 -6.59 30.61 10.51
C VAL C 77 -5.60 31.71 10.86
N TYR C 78 -4.41 31.32 11.27
CA TYR C 78 -3.40 32.26 11.76
C TYR C 78 -2.05 31.96 11.13
N ALA C 79 -1.44 32.96 10.50
CA ALA C 79 -0.18 32.78 9.79
C ALA C 79 0.90 33.65 10.41
N ASP C 80 1.93 33.00 10.96
CA ASP C 80 3.09 33.68 11.52
C ASP C 80 4.18 33.77 10.46
N SER C 81 4.78 34.96 10.33
CA SER C 81 5.68 35.27 9.23
C SER C 81 7.04 35.70 9.78
N PHE C 82 8.11 35.09 9.26
CA PHE C 82 9.45 35.52 9.65
C PHE C 82 10.46 35.04 8.61
N VAL C 83 11.74 35.35 8.87
CA VAL C 83 12.85 35.09 7.95
C VAL C 83 14.01 34.48 8.74
N VAL C 84 14.39 33.25 8.39
CA VAL C 84 15.45 32.53 9.08
C VAL C 84 16.55 32.17 8.09
N LYS C 85 17.77 32.01 8.61
CA LYS C 85 18.81 31.29 7.88
C LYS C 85 18.28 29.95 7.40
N GLY C 86 18.68 29.56 6.19
CA GLY C 86 18.12 28.34 5.60
C GLY C 86 18.46 27.07 6.34
N ASP C 87 19.53 27.08 7.14
CA ASP C 87 19.92 25.88 7.88
C ASP C 87 19.14 25.70 9.17
N ASP C 88 18.29 26.65 9.54
CA ASP C 88 17.46 26.53 10.73
C ASP C 88 15.99 26.37 10.41
N VAL C 89 15.62 26.33 9.12
CA VAL C 89 14.26 25.97 8.73
C VAL C 89 13.84 24.67 9.40
N ARG C 90 14.79 23.75 9.60
CA ARG C 90 14.51 22.45 10.19
C ARG C 90 13.97 22.57 11.61
N GLN C 91 14.15 23.71 12.27
CA GLN C 91 13.76 23.85 13.68
C GLN C 91 12.50 24.67 13.88
N ILE C 92 11.84 25.09 12.80
CA ILE C 92 10.43 25.52 12.90
C ILE C 92 9.61 24.25 12.71
N ALA C 93 9.45 23.52 13.81
CA ALA C 93 8.82 22.21 13.84
C ALA C 93 8.59 21.82 15.29
N PRO C 94 7.54 21.05 15.58
CA PRO C 94 7.30 20.63 16.96
C PRO C 94 8.46 19.80 17.50
N GLY C 95 8.82 20.07 18.75
CA GLY C 95 9.81 19.28 19.45
C GLY C 95 11.24 19.43 18.96
N GLN C 96 11.63 20.63 18.56
CA GLN C 96 13.02 20.87 18.14
C GLN C 96 13.77 21.63 19.23
N THR C 97 15.08 21.79 19.01
CA THR C 97 16.02 22.09 20.08
C THR C 97 16.85 23.35 19.87
N GLY C 98 16.77 24.00 18.71
CA GLY C 98 17.70 25.05 18.37
C GLY C 98 17.49 26.35 19.15
N VAL C 99 18.40 27.30 18.88
CA VAL C 99 18.30 28.63 19.49
C VAL C 99 17.05 29.34 19.00
N ILE C 100 16.68 29.14 17.73
CA ILE C 100 15.50 29.77 17.16
C ILE C 100 14.24 29.19 17.78
N ALA C 101 14.23 27.89 18.05
CA ALA C 101 13.08 27.24 18.66
C ALA C 101 12.95 27.55 20.15
N ASP C 102 14.04 27.93 20.81
CA ASP C 102 14.01 28.15 22.24
C ASP C 102 13.78 29.61 22.61
N TYR C 103 14.43 30.55 21.91
CA TYR C 103 14.36 31.95 22.29
C TYR C 103 13.53 32.82 21.36
N ASN C 104 13.20 32.34 20.16
CA ASN C 104 12.53 33.16 19.17
C ASN C 104 11.13 32.68 18.83
N TYR C 105 10.98 31.41 18.43
CA TYR C 105 9.70 30.93 17.94
C TYR C 105 9.61 29.42 18.20
N LYS C 106 8.72 29.02 19.09
CA LYS C 106 8.56 27.63 19.48
C LYS C 106 7.18 27.13 19.04
N LEU C 107 7.16 25.94 18.44
CA LEU C 107 5.91 25.31 18.06
C LEU C 107 5.48 24.28 19.10
N PRO C 108 4.18 24.13 19.34
CA PRO C 108 3.73 23.21 20.39
C PRO C 108 4.09 21.77 20.05
N ASP C 109 4.09 20.92 21.09
CA ASP C 109 4.36 19.50 20.88
C ASP C 109 3.25 18.85 20.07
N ASP C 110 2.00 19.11 20.45
CA ASP C 110 0.84 18.64 19.69
C ASP C 110 0.37 19.70 18.68
N PHE C 111 1.31 20.19 17.88
CA PHE C 111 1.00 21.21 16.88
C PHE C 111 0.32 20.58 15.67
N MET C 112 -0.54 21.37 15.04
CA MET C 112 -1.24 20.92 13.85
C MET C 112 -1.38 22.10 12.90
N GLY C 113 -0.79 21.98 11.72
CA GLY C 113 -0.70 23.11 10.82
C GLY C 113 0.47 22.94 9.89
N CYS C 114 0.80 24.03 9.19
CA CYS C 114 1.70 23.98 8.04
C CYS C 114 2.85 24.96 8.15
N VAL C 115 4.04 24.46 7.82
CA VAL C 115 5.24 25.27 7.75
C VAL C 115 5.66 25.35 6.30
N LEU C 116 5.64 26.56 5.75
CA LEU C 116 6.02 26.80 4.36
C LEU C 116 7.25 27.69 4.32
N ALA C 117 8.27 27.25 3.59
CA ALA C 117 9.53 27.97 3.51
C ALA C 117 9.98 28.06 2.06
N TRP C 118 10.42 29.26 1.66
CA TRP C 118 10.91 29.48 0.30
C TRP C 118 12.11 30.42 0.32
N ASN C 119 12.84 30.43 -0.78
CA ASN C 119 14.14 31.10 -0.85
C ASN C 119 13.98 32.60 -1.03
N THR C 120 14.75 33.38 -0.27
CA THR C 120 14.66 34.83 -0.30
C THR C 120 16.02 35.49 -0.58
N ARG C 121 16.93 34.79 -1.24
CA ARG C 121 18.22 35.40 -1.58
C ARG C 121 18.04 36.58 -2.53
N ASN C 122 17.03 36.53 -3.38
CA ASN C 122 16.78 37.61 -4.32
C ASN C 122 16.23 38.83 -3.60
N TYR C 133 17.49 41.75 9.44
CA TYR C 133 16.92 40.55 10.02
C TYR C 133 17.75 40.07 11.20
N LYS C 134 17.13 40.01 12.37
CA LYS C 134 17.83 39.70 13.60
C LYS C 134 17.16 38.55 14.34
N TYR C 135 17.88 37.98 15.29
CA TYR C 135 17.41 36.82 16.04
C TYR C 135 18.00 36.80 17.43
N ARG C 136 17.19 36.42 18.42
CA ARG C 136 17.62 36.35 19.80
C ARG C 136 18.43 35.08 20.04
N TYR C 137 19.60 35.23 20.67
CA TYR C 137 20.43 34.07 21.00
C TYR C 137 20.84 34.03 22.46
N LEU C 138 20.32 34.94 23.30
CA LEU C 138 20.50 34.85 24.75
C LEU C 138 19.18 35.21 25.41
N ARG C 139 18.73 34.35 26.33
CA ARG C 139 17.49 34.56 27.07
C ARG C 139 17.53 33.72 28.33
N HIS C 140 16.87 34.21 29.38
CA HIS C 140 16.74 33.47 30.63
C HIS C 140 15.57 32.50 30.48
N GLY C 141 15.89 31.27 30.09
CA GLY C 141 14.88 30.23 29.92
C GLY C 141 14.31 30.21 28.52
N LYS C 142 13.48 29.19 28.27
CA LYS C 142 12.92 28.96 26.95
C LYS C 142 11.53 29.59 26.84
N LEU C 143 11.11 29.80 25.59
CA LEU C 143 9.82 30.40 25.30
C LEU C 143 8.70 29.39 25.45
N ARG C 144 7.50 29.89 25.73
CA ARG C 144 6.31 29.08 25.62
C ARG C 144 5.94 28.91 24.15
N PRO C 145 5.20 27.86 23.80
CA PRO C 145 4.69 27.76 22.43
C PRO C 145 3.82 28.96 22.10
N PHE C 146 4.08 29.56 20.93
CA PHE C 146 3.38 30.74 20.43
C PHE C 146 3.59 31.98 21.30
N GLU C 147 4.66 32.01 22.09
CA GLU C 147 5.03 33.18 22.87
C GLU C 147 6.12 33.96 22.14
N ARG C 148 6.23 35.25 22.47
CA ARG C 148 7.14 36.16 21.81
C ARG C 148 7.84 37.04 22.83
N ASP C 149 9.13 37.31 22.59
CA ASP C 149 9.92 38.21 23.43
C ASP C 149 10.48 39.32 22.56
N ILE C 150 10.09 40.58 22.85
CA ILE C 150 10.47 41.72 22.01
C ILE C 150 11.50 42.63 22.67
N SER C 151 11.81 42.42 23.94
CA SER C 151 12.68 43.33 24.67
C SER C 151 14.14 43.16 24.27
N ASN C 152 14.84 44.29 24.19
CA ASN C 152 16.28 44.36 23.94
C ASN C 152 16.91 44.99 25.20
N VAL C 153 17.24 44.13 26.17
CA VAL C 153 17.80 44.56 27.45
C VAL C 153 19.10 43.77 27.65
N PRO C 154 20.21 44.41 28.05
CA PRO C 154 21.47 43.66 28.22
C PRO C 154 21.32 42.41 29.07
N PHE C 155 22.07 41.37 28.71
CA PHE C 155 21.95 40.06 29.33
C PHE C 155 23.11 39.81 30.29
N SER C 156 22.78 39.41 31.51
CA SER C 156 23.74 38.93 32.48
C SER C 156 23.59 37.42 32.60
N PRO C 157 24.68 36.65 32.50
CA PRO C 157 24.55 35.18 32.49
C PRO C 157 23.88 34.61 33.72
N ASP C 158 23.90 35.32 34.86
CA ASP C 158 23.32 34.83 36.10
C ASP C 158 22.45 35.86 36.81
N GLY C 159 21.73 36.69 36.05
CA GLY C 159 20.64 37.48 36.60
C GLY C 159 20.99 38.82 37.21
N LYS C 160 22.05 39.47 36.74
CA LYS C 160 22.28 40.78 37.34
C LYS C 160 21.74 41.88 36.44
N PRO C 161 21.13 42.93 37.00
CA PRO C 161 20.82 44.11 36.18
C PRO C 161 22.10 44.68 35.58
N CYS C 162 22.24 44.62 34.27
CA CYS C 162 23.51 44.95 33.64
C CYS C 162 23.58 46.45 33.42
N THR C 163 24.59 47.06 34.05
CA THR C 163 24.88 48.48 33.82
C THR C 163 25.48 48.52 32.42
N PRO C 164 25.14 49.53 31.59
CA PRO C 164 25.64 49.64 30.21
C PRO C 164 27.11 49.29 29.97
N PRO C 165 27.45 48.66 28.82
CA PRO C 165 28.77 48.14 28.47
C PRO C 165 29.91 48.08 29.49
N ALA C 166 29.64 47.40 30.61
CA ALA C 166 30.58 47.18 31.73
C ALA C 166 31.26 45.84 31.50
N LEU C 167 31.06 44.93 32.43
CA LEU C 167 31.64 43.57 32.33
C LEU C 167 30.48 42.56 32.35
N ASN C 168 30.70 41.38 31.79
CA ASN C 168 29.68 40.34 31.71
C ASN C 168 28.36 40.90 31.17
N CYS C 169 28.45 41.72 30.12
CA CYS C 169 27.31 42.40 29.55
C CYS C 169 27.22 42.13 28.06
N TYR C 170 26.05 41.70 27.60
CA TYR C 170 25.85 41.33 26.21
C TYR C 170 24.40 41.61 25.82
N TRP C 171 24.21 42.24 24.67
CA TRP C 171 22.83 42.42 24.23
C TRP C 171 22.33 41.12 23.61
N PRO C 172 21.08 40.74 23.85
CA PRO C 172 20.62 39.40 23.45
C PRO C 172 20.38 39.27 21.96
N LEU C 173 19.95 40.32 21.29
CA LEU C 173 19.59 40.20 19.89
C LEU C 173 20.83 40.34 19.00
N ASN C 174 20.67 39.98 17.73
CA ASN C 174 21.81 39.66 16.88
C ASN C 174 21.42 39.46 15.40
N ASP C 175 22.23 39.89 14.43
CA ASP C 175 21.77 39.81 13.05
C ASP C 175 22.35 38.63 12.29
N TYR C 176 21.62 38.23 11.25
CA TYR C 176 22.09 37.20 10.33
C TYR C 176 23.17 37.74 9.39
N GLY C 177 22.96 38.92 8.82
CA GLY C 177 23.90 39.45 7.87
C GLY C 177 23.96 38.62 6.60
N PHE C 178 22.87 38.63 5.83
CA PHE C 178 22.75 37.80 4.65
C PHE C 178 23.41 38.47 3.44
N TYR C 179 24.05 37.64 2.61
CA TYR C 179 24.66 38.08 1.38
C TYR C 179 24.24 37.15 0.25
N THR C 180 24.26 37.68 -0.97
CA THR C 180 23.93 36.89 -2.13
C THR C 180 24.95 35.77 -2.33
N THR C 181 26.22 36.03 -2.05
CA THR C 181 27.30 35.11 -2.37
C THR C 181 27.82 34.43 -1.10
N THR C 182 27.12 33.35 -0.70
CA THR C 182 27.65 32.26 0.10
C THR C 182 26.56 31.21 0.34
N GLY C 183 26.88 30.14 1.07
CA GLY C 183 26.05 28.94 1.19
C GLY C 183 24.54 29.06 1.21
N ILE C 184 23.85 28.19 0.45
CA ILE C 184 22.39 28.27 0.35
C ILE C 184 21.74 28.02 1.70
N GLY C 185 22.38 27.23 2.57
CA GLY C 185 21.94 27.14 3.94
C GLY C 185 22.06 28.46 4.68
N TYR C 186 23.16 29.19 4.45
CA TYR C 186 23.33 30.52 5.03
C TYR C 186 22.59 31.61 4.27
N GLN C 187 21.84 31.25 3.23
CA GLN C 187 20.98 32.24 2.60
C GLN C 187 19.68 32.43 3.38
N PRO C 188 19.03 33.58 3.22
CA PRO C 188 17.77 33.80 3.91
C PRO C 188 16.67 32.91 3.34
N TYR C 189 15.65 32.67 4.17
CA TYR C 189 14.49 31.90 3.79
C TYR C 189 13.28 32.49 4.49
N ARG C 190 12.22 32.73 3.73
CA ARG C 190 10.97 33.23 4.29
C ARG C 190 10.10 32.06 4.70
N VAL C 191 9.55 32.16 5.92
CA VAL C 191 8.79 31.09 6.54
C VAL C 191 7.45 31.64 6.99
N VAL C 192 6.38 30.98 6.57
CA VAL C 192 5.02 31.26 7.04
C VAL C 192 4.47 29.99 7.67
N VAL C 193 3.98 30.10 8.89
CA VAL C 193 3.45 28.99 9.66
C VAL C 193 1.95 29.21 9.84
N LEU C 194 1.15 28.33 9.27
CA LEU C 194 -0.30 28.38 9.35
C LEU C 194 -0.78 27.44 10.45
N SER C 195 -1.55 27.97 11.39
CA SER C 195 -2.25 27.19 12.38
C SER C 195 -3.75 27.45 12.25
N PHE C 196 -4.55 26.52 12.78
CA PHE C 196 -5.98 26.51 12.50
C PHE C 196 -6.78 26.48 13.80
N GLU C 197 -7.85 27.27 13.82
CA GLU C 197 -8.84 27.24 14.90
C GLU C 197 -8.22 27.45 16.28
N ASN C 200 -17.26 25.36 20.46
CA ASN C 200 -16.92 26.21 19.33
C ASN C 200 -18.10 27.07 18.91
N ALA C 201 -18.24 27.27 17.60
CA ALA C 201 -19.24 28.15 17.02
C ALA C 201 -19.34 27.83 15.52
N PRO C 202 -20.31 28.38 14.80
CA PRO C 202 -20.32 28.21 13.34
C PRO C 202 -18.98 28.63 12.72
N ALA C 203 -18.39 27.72 11.95
CA ALA C 203 -17.08 27.96 11.36
C ALA C 203 -17.16 29.05 10.31
N THR C 204 -16.20 29.98 10.34
CA THR C 204 -16.29 31.18 9.51
C THR C 204 -15.45 31.14 8.24
N VAL C 205 -14.42 30.30 8.17
CA VAL C 205 -13.68 30.11 6.94
C VAL C 205 -13.69 28.63 6.58
N CYS C 206 -14.05 28.33 5.33
CA CYS C 206 -14.15 26.96 4.83
C CYS C 206 -13.50 26.90 3.45
N GLY C 207 -13.60 25.74 2.82
CA GLY C 207 -13.18 25.59 1.46
C GLY C 207 -14.39 25.63 0.52
N PRO C 208 -14.13 25.78 -0.79
CA PRO C 208 -15.21 25.83 -1.78
C PRO C 208 -16.08 24.57 -1.79
C1 NAG D . -3.25 22.69 -9.65
C2 NAG D . -4.58 23.43 -9.63
C3 NAG D . -5.72 22.44 -9.80
C4 NAG D . -5.53 21.71 -11.13
C5 NAG D . -4.15 21.04 -11.10
C6 NAG D . -3.88 20.18 -12.33
C7 NAG D . -4.85 25.54 -8.46
C8 NAG D . -3.57 26.32 -8.43
N2 NAG D . -4.73 24.22 -8.42
O3 NAG D . -6.95 23.17 -9.68
O4 NAG D . -6.48 20.67 -11.44
O5 NAG D . -3.13 22.02 -10.90
O6 NAG D . -2.99 20.83 -13.25
O7 NAG D . -5.94 26.10 -8.52
C1 NAG D . -7.71 21.13 -12.04
C2 NAG D . -7.72 21.16 -13.56
C3 NAG D . -9.10 21.65 -14.03
C4 NAG D . -10.18 20.75 -13.47
C5 NAG D . -10.08 20.74 -11.96
C6 NAG D . -11.11 19.78 -11.33
C7 NAG D . -5.68 21.68 -14.80
C8 NAG D . -4.71 22.76 -15.17
N2 NAG D . -6.74 22.08 -14.12
O3 NAG D . -9.15 21.65 -15.46
O4 NAG D . -11.45 21.27 -13.85
O5 NAG D . -8.78 20.30 -11.57
O6 NAG D . -10.64 18.44 -11.45
O7 NAG D . -5.50 20.52 -15.09
P PO4 E . -1.43 -27.95 -10.16
O1 PO4 E . 0.05 -27.95 -9.87
O2 PO4 E . -1.95 -26.53 -10.08
O3 PO4 E . -1.68 -28.51 -11.54
O4 PO4 E . -2.15 -28.80 -9.15
C1 NAG F . 1.50 35.41 -5.07
C2 NAG F . 0.07 35.09 -5.38
C3 NAG F . -0.03 33.91 -6.32
C4 NAG F . 0.73 34.31 -7.54
C5 NAG F . 2.15 34.64 -7.18
C6 NAG F . 2.92 34.99 -8.44
C7 NAG F . -0.29 33.94 -3.31
C8 NAG F . -1.29 33.60 -2.27
N2 NAG F . -0.69 34.79 -4.21
O3 NAG F . -1.39 33.72 -6.66
O4 NAG F . 0.68 33.29 -8.53
O5 NAG F . 2.16 35.72 -6.27
O6 NAG F . 2.41 34.24 -9.56
O7 NAG F . 0.80 33.46 -3.34
#